data_4N61
#
_entry.id   4N61
#
_cell.length_a   153.913
_cell.length_b   153.913
_cell.length_c   153.913
_cell.angle_alpha   90.00
_cell.angle_beta   90.00
_cell.angle_gamma   90.00
#
_symmetry.space_group_name_H-M   'P 21 3'
#
loop_
_entity.id
_entity.type
_entity.pdbx_description
1 polymer 'Hemagglutinin HA1'
2 polymer 'Hemagglutinin HA2'
3 branched 2-acetamido-2-deoxy-beta-D-glucopyranose-(1-4)-2-acetamido-2-deoxy-beta-D-glucopyranose
4 branched 'N-acetyl-alpha-neuraminic acid-(2-3)-beta-D-galactopyranose'
5 non-polymer 2-acetamido-2-deoxy-beta-D-glucopyranose
6 non-polymer 'N-acetyl-alpha-neuraminic acid'
7 water water
#
loop_
_entity_poly.entity_id
_entity_poly.type
_entity_poly.pdbx_seq_one_letter_code
_entity_poly.pdbx_strand_id
1 'polypeptide(L)'
;DKICLGHHAVSNGTKVNTLTERGVEVVNATETVERTNIPRICSKGKRTVDLGQCGLLGTITGPPQCDQFLEFSADLIIER
REGSDVCYPGKFVNEEALRQILRESGGIDKEAMGFTYSGIRTNGATSACRRSGSSFYAEMKWLLSNTDNAAFPQMTKSYK
NTRKSPALIVWGIHHSVSTAEQTKLYGSGNKLVTVGSSNYQQSFVPSPGARPQVNGLSGRIDFHWLMLNPNDTVTFSFNG
AFIAPDRASFLRGKSMGIQSGVQVDANCEGDCYHSGGTIISNLPFQNIDSRAVGKCPRYVKQRSLLLATGMKNVPEIPKG
R
;
A,C
2 'polypeptide(L)'
;GLFGAIAGFIENGWEGLIDGWYGFRHQNAQGEGTAADYKSTQSAIDQITGKLNRLIEKTNQQFELIDNEFNEVEKQIGNV
INWTRDSITEVWSYNAELLVAMENQHTIDLADSEMDKLYERVKRQLRENAEEDGTGCFEIFHKCDDDCMASIRNNTYDHS
KYREEAMQNRIQSGRLVPR
;
B,D
#
# COMPACT_ATOMS: atom_id res chain seq x y z
N ASP A 1 -43.68 18.08 28.72
CA ASP A 1 -42.61 18.85 28.08
C ASP A 1 -41.23 18.42 28.59
N LYS A 2 -40.29 18.31 27.66
CA LYS A 2 -39.03 17.64 27.93
C LYS A 2 -37.90 18.18 27.04
N ILE A 3 -36.71 18.36 27.62
CA ILE A 3 -35.55 18.70 26.81
C ILE A 3 -34.39 17.76 27.15
N CYS A 4 -33.78 17.19 26.11
CA CYS A 4 -32.69 16.23 26.29
C CYS A 4 -31.41 16.77 25.72
N LEU A 5 -30.31 16.42 26.38
CA LEU A 5 -28.99 16.79 25.92
C LEU A 5 -28.35 15.55 25.33
N GLY A 6 -27.73 15.69 24.17
CA GLY A 6 -27.12 14.55 23.52
C GLY A 6 -25.91 14.88 22.70
N HIS A 7 -25.37 13.87 22.04
CA HIS A 7 -24.21 14.03 21.20
C HIS A 7 -24.38 13.19 19.95
N HIS A 8 -23.68 13.54 18.87
CA HIS A 8 -23.88 12.82 17.63
C HIS A 8 -23.23 11.43 17.70
N ALA A 9 -23.56 10.60 16.70
CA ALA A 9 -23.03 9.24 16.63
C ALA A 9 -23.24 8.67 15.24
N VAL A 10 -22.54 7.59 14.91
CA VAL A 10 -22.66 6.99 13.58
C VAL A 10 -22.70 5.47 13.64
N SER A 11 -22.98 4.86 12.49
CA SER A 11 -22.88 3.41 12.31
C SER A 11 -21.56 3.12 11.60
N ASN A 12 -20.94 4.19 11.12
CA ASN A 12 -19.69 4.15 10.40
C ASN A 12 -18.49 4.35 11.34
N GLY A 13 -18.53 3.69 12.49
CA GLY A 13 -17.52 3.92 13.52
C GLY A 13 -16.18 3.25 13.27
N THR A 14 -15.09 3.94 13.65
CA THR A 14 -13.77 3.36 13.43
C THR A 14 -13.02 3.14 14.75
N LYS A 15 -12.34 2.00 14.83
CA LYS A 15 -11.71 1.57 16.07
C LYS A 15 -10.34 2.21 16.26
N VAL A 16 -10.03 2.54 17.51
CA VAL A 16 -8.72 3.06 17.86
C VAL A 16 -8.26 2.44 19.18
N ASN A 17 -7.07 2.80 19.63
CA ASN A 17 -6.56 2.29 20.88
C ASN A 17 -6.37 3.41 21.88
N THR A 18 -6.46 3.07 23.16
CA THR A 18 -6.23 4.01 24.24
C THR A 18 -5.27 3.37 25.24
N LEU A 19 -5.13 3.97 26.42
CA LEU A 19 -4.35 3.37 27.49
C LEU A 19 -5.01 2.06 27.97
N THR A 20 -6.34 2.05 27.96
CA THR A 20 -7.10 0.95 28.52
C THR A 20 -7.66 -0.01 27.48
N GLU A 21 -8.45 0.52 26.55
CA GLU A 21 -9.15 -0.34 25.61
C GLU A 21 -8.36 -0.57 24.32
N ARG A 22 -8.66 -1.69 23.67
CA ARG A 22 -8.09 -1.98 22.36
C ARG A 22 -9.24 -2.20 21.38
N GLY A 23 -9.48 -1.21 20.53
CA GLY A 23 -10.53 -1.30 19.53
C GLY A 23 -11.79 -0.57 19.94
N VAL A 24 -11.63 0.45 20.77
CA VAL A 24 -12.75 1.30 21.18
C VAL A 24 -13.17 2.15 19.96
N GLU A 25 -14.47 2.17 19.68
CA GLU A 25 -14.96 2.90 18.52
C GLU A 25 -15.08 4.39 18.78
N VAL A 26 -14.60 5.19 17.84
CA VAL A 26 -14.81 6.62 17.90
C VAL A 26 -15.52 7.03 16.60
N VAL A 27 -16.01 8.26 16.58
CA VAL A 27 -16.83 8.74 15.46
C VAL A 27 -15.96 8.97 14.23
N ASN A 28 -14.75 9.45 14.45
CA ASN A 28 -13.86 9.77 13.34
C ASN A 28 -12.40 9.67 13.77
N ALA A 29 -11.54 9.23 12.84
CA ALA A 29 -10.13 9.07 13.15
C ALA A 29 -9.29 9.36 11.92
N THR A 30 -7.99 9.59 12.10
CA THR A 30 -7.10 9.80 10.96
C THR A 30 -5.79 9.08 11.19
N GLU A 31 -5.09 8.77 10.10
CA GLU A 31 -3.84 8.04 10.19
C GLU A 31 -2.68 8.96 10.56
N THR A 32 -1.74 8.44 11.35
CA THR A 32 -0.56 9.19 11.76
C THR A 32 0.72 8.62 11.13
N VAL A 33 0.61 7.42 10.55
CA VAL A 33 1.74 6.70 9.97
C VAL A 33 1.65 6.67 8.46
N GLU A 34 2.55 7.36 7.79
CA GLU A 34 2.54 7.44 6.34
C GLU A 34 2.95 6.12 5.72
N ARG A 35 2.21 5.67 4.71
CA ARG A 35 2.55 4.46 3.98
C ARG A 35 2.47 4.69 2.48
N THR A 36 2.07 5.90 2.10
CA THR A 36 1.89 6.22 0.68
C THR A 36 3.18 6.73 0.06
N ASN A 37 3.77 5.92 -0.81
CA ASN A 37 5.05 6.26 -1.41
C ASN A 37 4.89 6.78 -2.84
N ILE A 38 5.64 7.81 -3.18
CA ILE A 38 5.72 8.31 -4.54
C ILE A 38 7.00 7.75 -5.18
N PRO A 39 6.84 6.77 -6.09
CA PRO A 39 7.96 6.05 -6.72
C PRO A 39 8.77 6.88 -7.70
N ARG A 40 9.06 8.14 -7.33
CA ARG A 40 9.90 9.01 -8.14
C ARG A 40 10.78 9.84 -7.22
N ILE A 41 11.80 10.47 -7.79
CA ILE A 41 12.59 11.43 -7.04
C ILE A 41 12.09 12.83 -7.40
N CYS A 42 11.29 13.42 -6.53
CA CYS A 42 10.72 14.73 -6.78
C CYS A 42 11.80 15.79 -6.61
N SER A 43 12.22 16.37 -7.73
CA SER A 43 13.41 17.21 -7.74
C SER A 43 13.12 18.68 -8.04
N LYS A 44 11.85 19.04 -8.15
CA LYS A 44 11.48 20.43 -8.44
C LYS A 44 12.12 21.34 -7.39
N GLY A 45 12.77 22.39 -7.88
CA GLY A 45 13.42 23.34 -7.00
C GLY A 45 14.84 22.94 -6.68
N LYS A 46 15.19 21.69 -6.94
CA LYS A 46 16.54 21.20 -6.65
C LYS A 46 17.35 20.89 -7.91
N ARG A 47 18.56 21.42 -7.96
CA ARG A 47 19.49 21.12 -9.03
C ARG A 47 19.99 19.69 -8.86
N THR A 48 19.60 18.83 -9.80
CA THR A 48 19.74 17.39 -9.62
C THR A 48 20.65 16.77 -10.67
N VAL A 49 21.57 15.91 -10.23
CA VAL A 49 22.40 15.17 -11.17
C VAL A 49 22.22 13.67 -10.96
N ASP A 50 21.96 12.97 -12.06
CA ASP A 50 21.78 11.52 -12.06
C ASP A 50 23.05 10.87 -12.61
N LEU A 51 23.94 10.49 -11.70
CA LEU A 51 25.27 9.99 -12.04
C LEU A 51 25.22 8.76 -12.96
N GLY A 52 24.13 8.01 -12.86
CA GLY A 52 23.90 6.88 -13.76
C GLY A 52 24.97 5.82 -13.69
N GLN A 53 25.82 5.76 -14.72
CA GLN A 53 26.88 4.78 -14.75
C GLN A 53 28.14 5.30 -14.09
N CYS A 54 28.19 6.61 -13.87
CA CYS A 54 29.31 7.22 -13.15
C CYS A 54 29.20 6.98 -11.64
N GLY A 55 30.20 6.34 -11.06
CA GLY A 55 30.26 6.23 -9.61
C GLY A 55 30.66 7.57 -9.03
N LEU A 56 30.17 7.88 -7.83
CA LEU A 56 30.41 9.19 -7.23
C LEU A 56 31.90 9.47 -7.05
N LEU A 57 32.66 8.48 -6.64
CA LEU A 57 34.09 8.68 -6.44
C LEU A 57 34.79 8.86 -7.79
N GLY A 58 34.17 8.37 -8.85
CA GLY A 58 34.71 8.50 -10.18
C GLY A 58 34.74 9.93 -10.68
N THR A 59 33.91 10.80 -10.10
CA THR A 59 33.88 12.21 -10.50
C THR A 59 35.19 12.91 -10.19
N ILE A 60 35.96 12.35 -9.26
CA ILE A 60 37.23 12.93 -8.82
C ILE A 60 38.40 12.43 -9.66
N THR A 61 38.41 11.13 -9.95
CA THR A 61 39.49 10.52 -10.71
C THR A 61 39.24 10.62 -12.23
N GLY A 62 38.01 10.36 -12.65
CA GLY A 62 37.61 10.58 -14.03
C GLY A 62 37.72 9.44 -15.03
N PRO A 63 37.03 8.32 -14.78
CA PRO A 63 36.91 7.30 -15.82
C PRO A 63 36.02 7.86 -16.93
N PRO A 64 36.00 7.22 -18.11
CA PRO A 64 35.15 7.73 -19.19
C PRO A 64 33.70 7.98 -18.77
N GLN A 65 33.15 7.12 -17.91
CA GLN A 65 31.76 7.24 -17.48
C GLN A 65 31.43 8.56 -16.79
N CYS A 66 32.43 9.25 -16.25
CA CYS A 66 32.19 10.44 -15.45
C CYS A 66 32.65 11.72 -16.11
N ASP A 67 32.95 11.66 -17.41
CA ASP A 67 33.48 12.82 -18.14
C ASP A 67 32.54 14.04 -18.05
N GLN A 68 31.25 13.79 -17.91
CA GLN A 68 30.26 14.87 -17.83
C GLN A 68 30.25 15.51 -16.44
N PHE A 69 30.80 14.82 -15.44
CA PHE A 69 30.61 15.24 -14.06
C PHE A 69 31.87 15.69 -13.34
N LEU A 70 32.94 15.91 -14.09
CA LEU A 70 34.24 16.23 -13.53
C LEU A 70 34.25 17.51 -12.70
N GLU A 71 33.31 18.42 -13.01
CA GLU A 71 33.13 19.64 -12.25
C GLU A 71 31.65 19.92 -12.04
N PHE A 72 30.91 18.86 -11.71
CA PHE A 72 29.46 18.96 -11.61
C PHE A 72 29.02 19.83 -10.44
N SER A 73 27.78 20.29 -10.51
CA SER A 73 27.19 21.13 -9.48
C SER A 73 25.77 20.63 -9.20
N ALA A 74 25.41 20.50 -7.93
CA ALA A 74 24.10 19.94 -7.60
C ALA A 74 23.60 20.33 -6.21
N ASP A 75 22.27 20.26 -6.05
CA ASP A 75 21.65 20.37 -4.74
C ASP A 75 21.31 18.95 -4.29
N LEU A 76 20.99 18.13 -5.28
CA LEU A 76 20.60 16.75 -5.04
C LEU A 76 21.42 15.82 -5.92
N ILE A 77 22.11 14.88 -5.28
CA ILE A 77 23.00 13.96 -5.99
C ILE A 77 22.46 12.53 -5.90
N ILE A 78 22.36 11.86 -7.03
CA ILE A 78 21.78 10.51 -7.04
C ILE A 78 22.75 9.45 -7.56
N GLU A 79 23.14 8.53 -6.67
CA GLU A 79 23.95 7.40 -7.06
C GLU A 79 23.05 6.30 -7.61
N ARG A 80 23.55 5.55 -8.58
CA ARG A 80 22.83 4.42 -9.16
C ARG A 80 23.60 3.13 -8.99
N ARG A 81 22.89 2.00 -8.92
CA ARG A 81 23.53 0.72 -8.66
C ARG A 81 24.50 0.34 -9.77
N GLU A 82 24.20 0.74 -10.99
CA GLU A 82 25.05 0.46 -12.15
C GLU A 82 26.30 1.34 -12.14
N GLY A 83 26.31 2.35 -11.28
CA GLY A 83 27.44 3.24 -11.18
C GLY A 83 28.72 2.52 -10.84
N SER A 84 29.83 3.03 -11.36
CA SER A 84 31.15 2.48 -11.07
C SER A 84 32.17 3.62 -10.96
N ASP A 85 33.02 3.54 -9.93
CA ASP A 85 34.04 4.56 -9.68
C ASP A 85 35.30 4.31 -10.52
N VAL A 86 35.28 3.23 -11.28
CA VAL A 86 36.52 2.65 -11.79
C VAL A 86 36.43 2.23 -13.26
N CYS A 87 37.53 2.41 -14.00
CA CYS A 87 37.67 1.76 -15.31
C CYS A 87 38.73 0.66 -15.16
N TYR A 88 39.97 1.04 -14.86
CA TYR A 88 41.00 0.07 -14.49
C TYR A 88 40.70 -0.42 -13.07
N PRO A 89 40.58 -1.75 -12.89
CA PRO A 89 40.13 -2.39 -11.65
C PRO A 89 40.85 -1.88 -10.41
N GLY A 90 40.06 -1.59 -9.38
CA GLY A 90 40.60 -1.07 -8.14
C GLY A 90 39.50 -0.52 -7.25
N LYS A 91 39.90 0.12 -6.15
CA LYS A 91 38.96 0.66 -5.20
C LYS A 91 39.61 1.75 -4.38
N PHE A 92 38.81 2.55 -3.70
CA PHE A 92 39.34 3.58 -2.81
C PHE A 92 39.56 3.01 -1.43
N VAL A 93 40.57 3.53 -0.74
CA VAL A 93 40.74 3.30 0.68
C VAL A 93 39.87 4.36 1.37
N ASN A 94 39.16 3.93 2.41
CA ASN A 94 38.20 4.78 3.12
C ASN A 94 37.18 5.36 2.16
N GLU A 95 36.59 4.49 1.34
CA GLU A 95 35.68 4.90 0.27
C GLU A 95 34.42 5.57 0.79
N GLU A 96 33.80 4.97 1.81
CA GLU A 96 32.50 5.44 2.27
C GLU A 96 32.56 6.82 2.92
N ALA A 97 33.62 7.07 3.70
CA ALA A 97 33.82 8.39 4.28
C ALA A 97 33.91 9.44 3.16
N LEU A 98 34.60 9.09 2.08
CA LEU A 98 34.74 9.99 0.94
C LEU A 98 33.40 10.20 0.23
N ARG A 99 32.60 9.15 0.12
CA ARG A 99 31.28 9.29 -0.52
C ARG A 99 30.41 10.24 0.28
N GLN A 100 30.41 10.05 1.60
CA GLN A 100 29.61 10.87 2.49
C GLN A 100 29.99 12.34 2.37
N ILE A 101 31.28 12.61 2.15
CA ILE A 101 31.77 13.96 1.97
C ILE A 101 31.26 14.56 0.66
N LEU A 102 31.33 13.78 -0.42
CA LEU A 102 30.92 14.27 -1.74
C LEU A 102 29.40 14.44 -1.86
N ARG A 103 28.64 13.64 -1.11
CA ARG A 103 27.18 13.72 -1.17
C ARG A 103 26.66 15.07 -0.71
N GLU A 104 27.43 15.75 0.15
CA GLU A 104 27.00 17.06 0.64
C GLU A 104 27.95 18.16 0.20
N SER A 105 28.69 17.93 -0.88
CA SER A 105 29.68 18.89 -1.34
C SER A 105 29.07 20.01 -2.17
N GLY A 106 27.96 19.70 -2.85
CA GLY A 106 27.35 20.64 -3.76
C GLY A 106 28.02 20.56 -5.12
N GLY A 107 28.80 19.50 -5.30
CA GLY A 107 29.57 19.33 -6.51
C GLY A 107 31.02 19.69 -6.29
N ILE A 108 31.82 19.62 -7.36
CA ILE A 108 33.25 19.84 -7.23
C ILE A 108 33.80 20.85 -8.23
N ASP A 109 34.78 21.62 -7.77
CA ASP A 109 35.52 22.53 -8.63
C ASP A 109 36.93 21.96 -8.74
N LYS A 110 37.37 21.70 -9.97
CA LYS A 110 38.69 21.14 -10.20
C LYS A 110 39.69 22.25 -10.50
N GLU A 111 40.92 22.07 -10.04
CA GLU A 111 41.98 23.02 -10.28
C GLU A 111 43.29 22.28 -10.50
N ALA A 112 44.04 22.68 -11.52
CA ALA A 112 45.32 22.07 -11.85
C ALA A 112 46.30 22.18 -10.70
N MET A 113 47.08 21.12 -10.49
CA MET A 113 48.08 21.09 -9.42
C MET A 113 49.46 21.44 -9.93
N GLY A 114 49.63 21.36 -11.26
CA GLY A 114 50.80 21.87 -11.93
C GLY A 114 52.05 21.05 -11.70
N PHE A 115 51.95 19.74 -11.85
CA PHE A 115 53.10 18.86 -11.74
C PHE A 115 53.76 18.73 -13.11
N THR A 116 55.08 18.82 -13.13
CA THR A 116 55.85 18.68 -14.37
C THR A 116 56.85 17.53 -14.20
N TYR A 117 57.11 16.81 -15.30
CA TYR A 117 57.90 15.59 -15.25
C TYR A 117 59.00 15.58 -16.32
N SER A 118 60.11 14.91 -16.01
CA SER A 118 61.20 14.75 -16.97
C SER A 118 61.90 13.40 -16.81
N GLY A 119 62.25 12.77 -17.92
CA GLY A 119 62.96 11.51 -17.90
C GLY A 119 62.03 10.36 -17.54
N ILE A 120 60.83 10.41 -18.10
CA ILE A 120 59.71 9.62 -17.61
C ILE A 120 58.58 9.71 -18.62
N ARG A 121 57.80 8.64 -18.74
CA ARG A 121 56.58 8.71 -19.54
C ARG A 121 55.39 9.05 -18.65
N THR A 122 54.39 9.71 -19.21
CA THR A 122 53.18 10.04 -18.45
C THR A 122 51.95 9.51 -19.16
N ASN A 123 52.13 8.85 -20.30
CA ASN A 123 50.99 8.48 -21.14
C ASN A 123 50.52 7.06 -20.86
N GLY A 124 50.62 6.64 -19.60
CA GLY A 124 50.12 5.35 -19.21
C GLY A 124 48.65 5.24 -19.53
N ALA A 125 48.29 4.22 -20.30
CA ALA A 125 46.91 4.03 -20.72
C ALA A 125 46.52 2.57 -20.64
N THR A 126 45.23 2.29 -20.81
CA THR A 126 44.75 0.92 -20.77
C THR A 126 43.51 0.73 -21.62
N SER A 127 43.26 -0.52 -22.00
CA SER A 127 42.10 -0.90 -22.80
C SER A 127 40.83 -0.80 -21.95
N ALA A 128 40.99 -0.79 -20.64
CA ALA A 128 39.84 -0.78 -19.73
C ALA A 128 39.25 0.62 -19.63
N CYS A 129 40.04 1.62 -20.00
CA CYS A 129 39.56 2.99 -20.03
C CYS A 129 39.41 3.46 -21.46
N ARG A 130 38.57 2.78 -22.24
CA ARG A 130 38.45 3.17 -23.63
C ARG A 130 37.72 4.49 -23.75
N ARG A 131 38.41 5.43 -24.36
CA ARG A 131 37.86 6.74 -24.69
C ARG A 131 38.36 6.98 -26.11
N SER A 132 37.49 6.75 -27.08
CA SER A 132 37.89 6.57 -28.48
C SER A 132 38.84 5.37 -28.59
N GLY A 133 40.10 5.54 -28.17
CA GLY A 133 41.02 4.43 -28.06
C GLY A 133 41.37 4.10 -26.61
N SER A 134 42.49 3.42 -26.39
CA SER A 134 42.95 3.18 -25.02
C SER A 134 43.27 4.52 -24.36
N SER A 135 42.95 4.63 -23.08
CA SER A 135 43.21 5.86 -22.33
C SER A 135 43.36 5.55 -20.85
N PHE A 136 43.09 6.54 -20.01
CA PHE A 136 43.31 6.42 -18.58
C PHE A 136 42.34 7.33 -17.83
N TYR A 137 42.44 7.38 -16.51
CA TYR A 137 41.68 8.32 -15.71
C TYR A 137 42.00 9.76 -16.10
N ALA A 138 40.95 10.55 -16.34
CA ALA A 138 41.09 11.88 -16.90
C ALA A 138 41.85 12.85 -15.99
N GLU A 139 41.74 12.65 -14.68
CA GLU A 139 42.34 13.58 -13.73
C GLU A 139 43.68 13.07 -13.22
N MET A 140 44.09 11.90 -13.71
CA MET A 140 45.28 11.25 -13.20
C MET A 140 46.31 11.01 -14.30
N LYS A 141 47.57 10.83 -13.89
CA LYS A 141 48.62 10.50 -14.83
C LYS A 141 49.28 9.19 -14.41
N TRP A 142 49.26 8.22 -15.31
CA TRP A 142 49.92 6.94 -15.07
C TRP A 142 51.38 7.08 -15.52
N LEU A 143 52.28 7.18 -14.54
CA LEU A 143 53.70 7.40 -14.78
C LEU A 143 54.46 6.09 -14.99
N LEU A 144 55.33 6.06 -16.01
CA LEU A 144 56.18 4.92 -16.27
C LEU A 144 57.65 5.32 -16.25
N SER A 145 58.53 4.41 -16.68
CA SER A 145 59.96 4.68 -16.61
C SER A 145 60.42 5.53 -17.79
N ASN A 146 60.41 4.95 -18.99
CA ASN A 146 60.75 5.67 -20.23
C ASN A 146 60.81 4.76 -21.45
N THR A 147 61.39 3.57 -21.29
CA THR A 147 61.55 2.66 -22.40
C THR A 147 60.91 1.29 -22.11
N ASP A 148 61.44 0.60 -21.10
CA ASP A 148 61.00 -0.73 -20.64
C ASP A 148 62.09 -1.24 -19.69
N ASN A 149 61.70 -1.69 -18.50
CA ASN A 149 62.65 -2.17 -17.49
C ASN A 149 63.66 -1.10 -17.04
N ALA A 150 63.55 0.09 -17.62
CA ALA A 150 64.46 1.19 -17.30
C ALA A 150 64.19 1.72 -15.91
N ALA A 151 65.20 2.28 -15.27
CA ALA A 151 65.05 2.74 -13.90
C ALA A 151 64.15 3.97 -13.82
N PHE A 152 63.26 3.98 -12.83
CA PHE A 152 62.40 5.13 -12.57
C PHE A 152 63.11 6.06 -11.60
N PRO A 153 63.35 7.30 -12.03
CA PRO A 153 64.03 8.28 -11.18
C PRO A 153 63.25 8.62 -9.92
N GLN A 154 63.94 8.76 -8.79
CA GLN A 154 63.28 9.23 -7.58
C GLN A 154 62.76 10.65 -7.82
N MET A 155 61.51 10.90 -7.47
CA MET A 155 60.92 12.21 -7.69
C MET A 155 60.24 12.75 -6.45
N THR A 156 60.07 14.07 -6.41
CA THR A 156 59.39 14.72 -5.32
C THR A 156 58.55 15.88 -5.87
N LYS A 157 57.23 15.81 -5.67
CA LYS A 157 56.34 16.86 -6.16
C LYS A 157 55.51 17.41 -5.01
N SER A 158 55.39 18.73 -4.94
CA SER A 158 54.60 19.32 -3.88
C SER A 158 53.52 20.24 -4.46
N TYR A 159 52.49 20.49 -3.66
CA TYR A 159 51.39 21.33 -4.07
C TYR A 159 50.79 22.04 -2.87
N LYS A 160 50.72 23.37 -2.94
CA LYS A 160 50.12 24.14 -1.87
C LYS A 160 48.69 24.56 -2.22
N ASN A 161 47.78 24.41 -1.26
CA ASN A 161 46.41 24.87 -1.44
C ASN A 161 46.31 26.37 -1.11
N THR A 162 46.30 27.20 -2.15
CA THR A 162 46.30 28.65 -1.96
C THR A 162 44.89 29.22 -1.83
N ARG A 163 43.91 28.36 -1.64
CA ARG A 163 42.53 28.80 -1.54
C ARG A 163 42.08 28.83 -0.07
N LYS A 164 40.81 29.15 0.16
CA LYS A 164 40.30 29.27 1.52
C LYS A 164 39.51 28.05 1.96
N SER A 165 39.28 27.13 1.02
CA SER A 165 38.62 25.84 1.32
C SER A 165 39.61 24.69 1.24
N PRO A 166 39.32 23.59 1.95
CA PRO A 166 40.21 22.43 1.85
C PRO A 166 40.19 21.78 0.47
N ALA A 167 41.34 21.31 0.01
CA ALA A 167 41.46 20.68 -1.30
C ALA A 167 41.40 19.17 -1.18
N LEU A 168 40.63 18.55 -2.06
CA LEU A 168 40.55 17.10 -2.06
C LEU A 168 41.62 16.58 -3.02
N ILE A 169 42.57 15.82 -2.48
CA ILE A 169 43.71 15.33 -3.24
C ILE A 169 43.61 13.82 -3.35
N VAL A 170 43.85 13.29 -4.55
CA VAL A 170 43.78 11.84 -4.75
C VAL A 170 44.97 11.32 -5.53
N TRP A 171 45.48 10.18 -5.10
CA TRP A 171 46.56 9.51 -5.81
C TRP A 171 46.33 8.01 -5.78
N GLY A 172 47.08 7.28 -6.61
CA GLY A 172 46.86 5.86 -6.76
C GLY A 172 48.15 5.08 -6.68
N ILE A 173 48.06 3.87 -6.14
CA ILE A 173 49.16 2.94 -6.13
C ILE A 173 48.83 1.81 -7.11
N HIS A 174 49.74 1.51 -8.01
CA HIS A 174 49.48 0.47 -9.00
C HIS A 174 50.06 -0.88 -8.57
N HIS A 175 49.22 -1.90 -8.58
CA HIS A 175 49.66 -3.26 -8.23
C HIS A 175 49.71 -4.14 -9.48
N SER A 176 50.91 -4.43 -9.96
CA SER A 176 51.10 -5.20 -11.19
C SER A 176 50.74 -6.67 -10.98
N VAL A 177 50.51 -7.37 -12.09
CA VAL A 177 50.13 -8.77 -12.02
C VAL A 177 51.33 -9.63 -11.58
N SER A 178 52.53 -9.11 -11.81
CA SER A 178 53.75 -9.85 -11.45
C SER A 178 54.88 -8.85 -11.22
N THR A 179 55.91 -9.28 -10.48
CA THR A 179 57.08 -8.44 -10.25
C THR A 179 57.77 -8.19 -11.59
N ALA A 180 57.58 -9.12 -12.52
CA ALA A 180 58.12 -8.97 -13.87
C ALA A 180 57.45 -7.79 -14.56
N GLU A 181 56.15 -7.65 -14.39
CA GLU A 181 55.43 -6.54 -15.01
C GLU A 181 55.74 -5.23 -14.29
N GLN A 182 55.88 -5.27 -12.98
CA GLN A 182 56.24 -4.07 -12.22
C GLN A 182 57.58 -3.54 -12.67
N THR A 183 58.52 -4.46 -12.90
CA THR A 183 59.86 -4.11 -13.35
C THR A 183 59.83 -3.54 -14.76
N LYS A 184 59.01 -4.14 -15.62
CA LYS A 184 58.86 -3.70 -17.00
C LYS A 184 58.35 -2.25 -17.07
N LEU A 185 57.56 -1.85 -16.07
CA LEU A 185 56.94 -0.53 -16.07
C LEU A 185 57.77 0.51 -15.30
N TYR A 186 58.34 0.12 -14.16
CA TYR A 186 58.98 1.08 -13.28
C TYR A 186 60.43 0.74 -12.94
N GLY A 187 60.95 -0.34 -13.50
CA GLY A 187 62.31 -0.75 -13.23
C GLY A 187 62.39 -1.70 -12.05
N SER A 188 63.57 -2.26 -11.80
CA SER A 188 63.77 -3.22 -10.72
C SER A 188 63.76 -2.54 -9.35
N GLY A 189 64.02 -3.32 -8.31
CA GLY A 189 64.15 -2.78 -6.97
C GLY A 189 62.83 -2.50 -6.28
N ASN A 190 62.89 -2.32 -4.97
CA ASN A 190 61.70 -1.99 -4.20
C ASN A 190 61.17 -0.62 -4.58
N LYS A 191 59.88 -0.42 -4.38
CA LYS A 191 59.24 0.82 -4.77
C LYS A 191 58.55 1.43 -3.56
N LEU A 192 58.73 2.73 -3.37
CA LEU A 192 58.16 3.41 -2.21
C LEU A 192 57.50 4.72 -2.62
N VAL A 193 56.35 5.02 -2.01
CA VAL A 193 55.65 6.28 -2.22
C VAL A 193 55.31 6.87 -0.87
N THR A 194 55.73 8.11 -0.64
CA THR A 194 55.46 8.76 0.64
C THR A 194 54.60 9.99 0.40
N VAL A 195 53.65 10.23 1.30
CA VAL A 195 52.74 11.36 1.16
C VAL A 195 52.73 12.16 2.45
N GLY A 196 53.21 13.40 2.37
CA GLY A 196 53.36 14.23 3.55
C GLY A 196 52.56 15.51 3.52
N SER A 197 51.88 15.79 4.63
CA SER A 197 51.13 17.01 4.78
C SER A 197 51.61 17.65 6.09
N SER A 198 50.75 18.47 6.71
CA SER A 198 51.08 19.10 7.99
C SER A 198 50.10 18.64 9.06
N ASN A 199 49.45 17.52 8.79
CA ASN A 199 48.47 16.92 9.67
C ASN A 199 48.23 15.49 9.20
N TYR A 200 49.01 15.08 8.21
CA TYR A 200 48.87 13.78 7.58
C TYR A 200 50.24 13.20 7.21
N GLN A 201 50.44 11.94 7.55
CA GLN A 201 51.66 11.23 7.17
C GLN A 201 51.33 9.76 6.95
N GLN A 202 51.62 9.29 5.74
CA GLN A 202 51.32 7.93 5.35
C GLN A 202 52.43 7.44 4.46
N SER A 203 52.43 6.14 4.18
CA SER A 203 53.45 5.56 3.32
C SER A 203 52.86 4.39 2.53
N PHE A 204 53.45 4.09 1.37
CA PHE A 204 52.88 3.08 0.49
C PHE A 204 53.92 2.28 -0.28
N VAL A 205 53.71 0.96 -0.33
CA VAL A 205 54.56 0.06 -1.09
C VAL A 205 53.65 -0.77 -1.97
N PRO A 206 54.05 -0.98 -3.25
CA PRO A 206 53.18 -1.77 -4.14
C PRO A 206 53.28 -3.26 -3.83
N SER A 207 52.28 -4.00 -4.29
CA SER A 207 52.16 -5.43 -4.01
C SER A 207 51.89 -6.20 -5.29
N PRO A 208 52.94 -6.46 -6.07
CA PRO A 208 52.73 -7.21 -7.32
C PRO A 208 52.32 -8.65 -7.05
N GLY A 209 51.42 -9.19 -7.88
CA GLY A 209 50.94 -10.54 -7.69
C GLY A 209 49.72 -10.85 -8.53
N ALA A 210 49.47 -12.12 -8.79
CA ALA A 210 48.34 -12.53 -9.62
C ALA A 210 47.02 -12.32 -8.88
N ARG A 211 46.02 -11.82 -9.60
CA ARG A 211 44.70 -11.56 -9.04
C ARG A 211 43.69 -11.98 -10.08
N PRO A 212 42.43 -12.17 -9.68
CA PRO A 212 41.43 -12.54 -10.70
C PRO A 212 41.25 -11.44 -11.73
N GLN A 213 40.99 -11.85 -12.97
CA GLN A 213 40.78 -10.90 -14.07
C GLN A 213 39.49 -10.12 -13.86
N VAL A 214 39.60 -8.80 -13.80
CA VAL A 214 38.45 -7.92 -13.76
C VAL A 214 38.57 -6.98 -14.96
N ASN A 215 37.53 -6.94 -15.79
CA ASN A 215 37.57 -6.22 -17.06
C ASN A 215 38.70 -6.73 -17.94
N GLY A 216 39.04 -8.01 -17.76
CA GLY A 216 40.13 -8.64 -18.49
C GLY A 216 41.50 -8.41 -17.88
N LEU A 217 41.55 -7.65 -16.79
CA LEU A 217 42.82 -7.26 -16.18
C LEU A 217 43.01 -7.83 -14.76
N SER A 218 44.24 -8.21 -14.44
CA SER A 218 44.57 -8.80 -13.15
C SER A 218 45.38 -7.85 -12.27
N GLY A 219 45.58 -6.64 -12.76
CA GLY A 219 46.26 -5.62 -11.98
C GLY A 219 45.23 -4.80 -11.22
N ARG A 220 45.65 -4.14 -10.15
CA ARG A 220 44.75 -3.30 -9.39
C ARG A 220 45.37 -1.94 -9.12
N ILE A 221 44.56 -0.89 -9.26
CA ILE A 221 44.93 0.44 -8.82
C ILE A 221 44.03 0.82 -7.65
N ASP A 222 44.60 0.94 -6.45
CA ASP A 222 43.82 1.41 -5.32
C ASP A 222 44.12 2.89 -5.04
N PHE A 223 43.06 3.66 -4.92
CA PHE A 223 43.17 5.10 -4.73
C PHE A 223 43.19 5.52 -3.26
N HIS A 224 43.96 6.57 -2.97
CA HIS A 224 44.00 7.16 -1.65
C HIS A 224 43.71 8.65 -1.71
N TRP A 225 43.24 9.21 -0.59
CA TRP A 225 42.87 10.61 -0.57
C TRP A 225 43.13 11.27 0.77
N LEU A 226 43.27 12.58 0.74
CA LEU A 226 43.34 13.38 1.96
C LEU A 226 42.69 14.72 1.68
N MET A 227 42.34 15.42 2.74
CA MET A 227 41.88 16.78 2.60
C MET A 227 43.05 17.69 2.97
N LEU A 228 43.39 18.61 2.06
CA LEU A 228 44.50 19.53 2.28
C LEU A 228 43.97 20.85 2.83
N ASN A 229 44.41 21.22 4.04
CA ASN A 229 44.01 22.49 4.63
C ASN A 229 44.56 23.70 3.88
N PRO A 230 43.84 24.83 3.93
CA PRO A 230 44.30 26.07 3.29
C PRO A 230 45.73 26.43 3.67
N ASN A 231 46.49 26.90 2.68
CA ASN A 231 47.89 27.28 2.83
C ASN A 231 48.81 26.11 3.21
N ASP A 232 48.24 24.93 3.41
CA ASP A 232 49.07 23.76 3.68
C ASP A 232 49.53 23.16 2.35
N THR A 233 50.57 22.34 2.40
CA THR A 233 51.17 21.75 1.21
C THR A 233 51.22 20.23 1.35
N VAL A 234 50.94 19.52 0.26
CA VAL A 234 51.20 18.08 0.21
C VAL A 234 52.46 17.85 -0.60
N THR A 235 53.25 16.85 -0.19
CA THR A 235 54.44 16.48 -0.94
C THR A 235 54.43 15.01 -1.27
N PHE A 236 54.69 14.69 -2.54
CA PHE A 236 54.71 13.32 -3.01
C PHE A 236 56.14 12.88 -3.29
N SER A 237 56.60 11.86 -2.59
CA SER A 237 57.91 11.28 -2.86
C SER A 237 57.69 9.85 -3.34
N PHE A 238 58.26 9.53 -4.51
CA PHE A 238 58.01 8.24 -5.13
C PHE A 238 59.08 7.86 -6.13
N ASN A 239 59.10 6.59 -6.51
CA ASN A 239 60.08 6.07 -7.47
C ASN A 239 59.46 4.99 -8.35
N GLY A 240 58.13 5.02 -8.48
CA GLY A 240 57.41 4.08 -9.33
C GLY A 240 56.07 3.70 -8.74
N ALA A 241 55.28 2.98 -9.54
CA ALA A 241 53.97 2.47 -9.10
C ALA A 241 53.04 3.56 -8.57
N PHE A 242 53.26 4.79 -9.02
CA PHE A 242 52.52 5.94 -8.50
C PHE A 242 51.55 6.51 -9.52
N ILE A 243 50.28 6.57 -9.16
CA ILE A 243 49.30 7.20 -10.04
C ILE A 243 49.09 8.64 -9.56
N ALA A 244 49.64 9.60 -10.29
CA ALA A 244 49.68 10.98 -9.85
C ALA A 244 48.40 11.69 -10.22
N PRO A 245 47.99 12.66 -9.38
CA PRO A 245 46.87 13.56 -9.67
C PRO A 245 47.29 14.66 -10.62
N ASP A 246 46.36 15.14 -11.45
CA ASP A 246 46.61 16.26 -12.33
C ASP A 246 45.89 17.51 -11.80
N ARG A 247 44.74 17.30 -11.18
CA ARG A 247 43.96 18.38 -10.62
C ARG A 247 43.48 18.02 -9.21
N ALA A 248 43.26 19.05 -8.40
CA ALA A 248 42.67 18.86 -7.08
C ALA A 248 41.20 19.23 -7.15
N SER A 249 40.42 18.84 -6.14
CA SER A 249 39.00 19.13 -6.13
C SER A 249 38.65 20.07 -4.98
N PHE A 250 37.69 20.94 -5.21
CA PHE A 250 37.19 21.81 -4.15
C PHE A 250 35.69 21.72 -4.07
N LEU A 251 35.18 21.59 -2.85
CA LEU A 251 33.76 21.41 -2.65
C LEU A 251 33.05 22.73 -2.93
N ARG A 252 31.93 22.67 -3.67
CA ARG A 252 31.22 23.85 -4.11
C ARG A 252 30.39 24.52 -3.01
N GLY A 253 29.61 23.72 -2.28
CA GLY A 253 28.81 24.27 -1.21
C GLY A 253 28.08 23.24 -0.35
N LYS A 254 26.80 23.07 -0.65
CA LYS A 254 25.93 22.20 0.13
C LYS A 254 24.99 21.41 -0.76
N SER A 255 24.80 20.14 -0.43
CA SER A 255 23.91 19.27 -1.18
C SER A 255 23.51 18.06 -0.34
N MET A 256 22.76 17.17 -0.94
CA MET A 256 22.37 15.93 -0.29
C MET A 256 22.45 14.82 -1.32
N GLY A 257 22.95 13.66 -0.90
CA GLY A 257 23.06 12.55 -1.81
C GLY A 257 22.14 11.42 -1.42
N ILE A 258 21.60 10.74 -2.42
CA ILE A 258 20.78 9.56 -2.20
C ILE A 258 21.16 8.45 -3.16
N GLN A 259 20.75 7.23 -2.82
CA GLN A 259 20.89 6.08 -3.70
C GLN A 259 19.48 5.66 -4.11
N SER A 260 19.22 5.58 -5.41
CA SER A 260 17.86 5.28 -5.83
C SER A 260 17.82 4.45 -7.11
N GLY A 261 16.69 3.78 -7.31
CA GLY A 261 16.49 2.96 -8.48
C GLY A 261 15.19 3.29 -9.18
N VAL A 262 14.69 4.50 -8.98
CA VAL A 262 13.47 4.95 -9.65
C VAL A 262 13.75 6.26 -10.38
N GLN A 263 12.86 6.61 -11.30
CA GLN A 263 13.08 7.77 -12.16
C GLN A 263 13.04 9.09 -11.39
N VAL A 264 13.45 10.15 -12.07
CA VAL A 264 13.48 11.48 -11.49
C VAL A 264 12.26 12.25 -11.99
N ASP A 265 11.72 13.14 -11.16
CA ASP A 265 10.62 14.00 -11.57
C ASP A 265 10.89 15.41 -11.12
N ALA A 266 10.90 16.35 -12.07
CA ALA A 266 11.22 17.74 -11.78
C ALA A 266 9.95 18.55 -11.59
N ASN A 267 8.81 17.87 -11.57
CA ASN A 267 7.52 18.50 -11.40
C ASN A 267 7.11 18.45 -9.93
N CYS A 268 7.23 17.27 -9.34
CA CYS A 268 6.96 17.09 -7.92
C CYS A 268 8.03 17.74 -7.05
N GLU A 269 7.60 18.27 -5.91
CA GLU A 269 8.50 18.89 -4.94
C GLU A 269 8.58 18.03 -3.68
N GLY A 270 9.78 17.60 -3.31
CA GLY A 270 9.95 16.74 -2.15
C GLY A 270 11.10 17.14 -1.24
N ASP A 271 11.20 16.47 -0.09
CA ASP A 271 12.27 16.73 0.88
C ASP A 271 12.64 15.51 1.72
N CYS A 272 11.99 14.37 1.46
CA CYS A 272 12.34 13.14 2.16
C CYS A 272 12.42 11.99 1.15
N TYR A 273 13.59 11.37 1.07
CA TYR A 273 13.85 10.38 0.03
C TYR A 273 14.29 9.01 0.57
N HIS A 274 14.06 7.99 -0.23
CA HIS A 274 14.60 6.66 0.00
C HIS A 274 14.84 6.05 -1.37
N SER A 275 15.40 4.84 -1.41
CA SER A 275 15.77 4.25 -2.69
C SER A 275 14.56 3.99 -3.59
N GLY A 276 13.37 3.95 -2.99
CA GLY A 276 12.15 3.67 -3.71
C GLY A 276 11.32 4.88 -4.10
N GLY A 277 11.74 6.06 -3.66
CA GLY A 277 11.07 7.28 -4.07
C GLY A 277 11.03 8.38 -3.01
N THR A 278 9.97 9.19 -3.08
CA THR A 278 9.83 10.36 -2.22
C THR A 278 8.65 10.21 -1.26
N ILE A 279 8.85 10.61 -0.02
CA ILE A 279 7.78 10.61 0.98
C ILE A 279 7.36 12.05 1.23
N ILE A 280 6.15 12.40 0.80
CA ILE A 280 5.63 13.74 1.03
C ILE A 280 4.44 13.58 1.94
N SER A 281 4.55 14.15 3.14
CA SER A 281 3.57 13.90 4.17
C SER A 281 3.72 14.88 5.31
N ASN A 282 2.60 15.24 5.91
CA ASN A 282 2.61 16.07 7.09
C ASN A 282 2.54 15.17 8.33
N LEU A 283 2.36 13.87 8.11
CA LEU A 283 2.25 12.92 9.21
C LEU A 283 3.58 12.80 9.98
N PRO A 284 3.48 12.61 11.30
CA PRO A 284 4.66 12.55 12.16
C PRO A 284 5.50 11.30 11.95
N PHE A 285 4.89 10.22 11.50
CA PHE A 285 5.60 8.95 11.35
C PHE A 285 5.40 8.34 9.97
N GLN A 286 6.28 7.40 9.64
CA GLN A 286 6.22 6.68 8.37
C GLN A 286 6.71 5.26 8.55
N ASN A 287 6.21 4.36 7.69
CA ASN A 287 6.51 2.94 7.79
C ASN A 287 7.03 2.42 6.45
N ILE A 288 7.64 3.32 5.69
CA ILE A 288 8.11 3.01 4.35
C ILE A 288 9.57 2.53 4.34
N ASP A 289 10.47 3.32 4.93
CA ASP A 289 11.90 2.98 4.92
C ASP A 289 12.64 3.60 6.10
N SER A 290 13.35 2.75 6.85
CA SER A 290 14.04 3.20 8.05
C SER A 290 15.26 4.03 7.70
N ARG A 291 15.82 3.79 6.52
CA ARG A 291 17.05 4.47 6.11
C ARG A 291 16.79 5.71 5.26
N ALA A 292 15.53 6.13 5.20
CA ALA A 292 15.16 7.34 4.46
C ALA A 292 15.94 8.56 4.97
N VAL A 293 16.29 9.46 4.06
CA VAL A 293 17.10 10.63 4.40
C VAL A 293 16.47 11.94 3.93
N GLY A 294 16.98 13.05 4.45
CA GLY A 294 16.40 14.35 4.20
C GLY A 294 15.63 14.78 5.44
N LYS A 295 14.56 15.54 5.23
CA LYS A 295 13.68 15.94 6.34
C LYS A 295 12.47 15.03 6.35
N CYS A 296 12.42 14.10 7.31
CA CYS A 296 11.45 13.02 7.28
C CYS A 296 10.65 12.87 8.57
N PRO A 297 9.45 12.29 8.46
CA PRO A 297 8.75 11.80 9.65
C PRO A 297 9.57 10.65 10.24
N ARG A 298 9.43 10.37 11.54
CA ARG A 298 10.24 9.33 12.16
C ARG A 298 9.75 7.95 11.71
N TYR A 299 10.69 7.05 11.44
CA TYR A 299 10.30 5.71 11.02
C TYR A 299 9.78 4.89 12.20
N VAL A 300 8.69 4.16 11.96
CA VAL A 300 8.15 3.25 12.97
C VAL A 300 7.85 1.87 12.41
N LYS A 301 7.72 0.90 13.31
CA LYS A 301 7.47 -0.50 13.00
C LYS A 301 6.04 -0.73 12.54
N GLN A 302 5.13 0.02 13.13
CA GLN A 302 3.72 -0.19 12.90
C GLN A 302 3.34 0.40 11.55
N ARG A 303 2.38 -0.24 10.89
CA ARG A 303 1.92 0.26 9.61
C ARG A 303 0.79 1.27 9.79
N SER A 304 0.15 1.23 10.95
CA SER A 304 -0.99 2.08 11.22
C SER A 304 -1.17 2.40 12.70
N LEU A 305 -1.34 3.68 12.99
CA LEU A 305 -1.67 4.15 14.34
C LEU A 305 -2.75 5.22 14.21
N LEU A 306 -3.99 4.86 14.50
CA LEU A 306 -5.11 5.76 14.25
C LEU A 306 -5.32 6.74 15.39
N LEU A 307 -5.38 8.02 15.05
CA LEU A 307 -5.61 9.08 16.03
C LEU A 307 -7.06 9.50 15.99
N ALA A 308 -7.73 9.39 17.13
CA ALA A 308 -9.14 9.78 17.23
C ALA A 308 -9.28 11.28 16.97
N THR A 309 -10.16 11.63 16.03
CA THR A 309 -10.45 13.03 15.74
C THR A 309 -11.89 13.34 16.08
N GLY A 310 -12.49 12.45 16.85
CA GLY A 310 -13.87 12.59 17.26
C GLY A 310 -14.12 11.84 18.56
N MET A 311 -15.30 12.08 19.12
CA MET A 311 -15.67 11.45 20.38
C MET A 311 -15.96 9.96 20.24
N LYS A 312 -16.12 9.31 21.38
CA LYS A 312 -16.44 7.89 21.42
C LYS A 312 -17.78 7.65 20.75
N ASN A 313 -17.86 6.62 19.92
CA ASN A 313 -19.11 6.36 19.20
C ASN A 313 -20.04 5.47 20.00
N VAL A 314 -21.22 6.00 20.31
CA VAL A 314 -22.23 5.27 21.06
C VAL A 314 -23.51 5.15 20.24
N PRO A 315 -23.81 3.93 19.77
CA PRO A 315 -24.95 3.73 18.87
C PRO A 315 -26.27 4.10 19.54
N GLU A 316 -27.20 4.65 18.77
CA GLU A 316 -28.50 5.03 19.31
C GLU A 316 -29.32 3.79 19.65
N ILE A 317 -30.09 3.86 20.73
CA ILE A 317 -30.98 2.77 21.10
C ILE A 317 -32.18 2.74 20.15
N PRO A 318 -32.33 1.64 19.40
CA PRO A 318 -33.38 1.53 18.39
C PRO A 318 -34.76 1.20 18.97
N GLY B 4 -42.82 6.07 22.44
CA GLY B 4 -42.40 7.21 21.64
C GLY B 4 -41.67 8.26 22.45
N ALA B 5 -40.89 7.81 23.43
CA ALA B 5 -40.12 8.71 24.29
C ALA B 5 -38.82 9.16 23.61
N ILE B 6 -38.23 10.23 24.14
CA ILE B 6 -36.89 10.68 23.72
C ILE B 6 -35.91 10.49 24.87
N ALA B 7 -34.63 10.36 24.54
CA ALA B 7 -33.60 10.18 25.54
C ALA B 7 -32.33 10.93 25.13
N GLY B 8 -31.48 11.23 26.09
CA GLY B 8 -30.25 11.95 25.79
C GLY B 8 -29.02 11.05 25.91
N PHE B 9 -27.87 11.65 26.18
CA PHE B 9 -26.66 10.89 26.45
C PHE B 9 -26.93 10.06 27.71
N ILE B 10 -26.04 9.12 28.03
CA ILE B 10 -26.30 8.04 29.01
C ILE B 10 -27.07 6.94 28.29
N GLU B 11 -26.34 5.90 27.85
CA GLU B 11 -26.89 4.88 26.96
C GLU B 11 -27.55 5.52 25.76
N ASN B 12 -26.72 5.85 24.76
CA ASN B 12 -27.06 6.17 23.35
C ASN B 12 -26.68 7.58 22.90
N GLY B 13 -26.14 7.66 21.69
CA GLY B 13 -25.92 8.92 21.02
C GLY B 13 -27.05 9.09 20.01
N TRP B 14 -26.97 10.15 19.21
CA TRP B 14 -28.01 10.49 18.23
C TRP B 14 -27.44 10.46 16.82
N GLU B 15 -27.85 9.49 16.02
CA GLU B 15 -27.32 9.38 14.67
C GLU B 15 -27.98 10.41 13.74
N GLY B 16 -28.96 11.13 14.28
CA GLY B 16 -29.66 12.15 13.51
C GLY B 16 -29.11 13.54 13.71
N LEU B 17 -28.36 13.73 14.79
CA LEU B 17 -27.68 15.01 15.03
C LEU B 17 -26.52 15.12 14.04
N ILE B 18 -26.77 15.71 12.89
CA ILE B 18 -25.80 15.71 11.79
C ILE B 18 -25.24 17.10 11.46
N ASP B 19 -25.60 18.12 12.25
CA ASP B 19 -25.07 19.46 12.04
C ASP B 19 -24.25 19.95 13.23
N GLY B 20 -23.88 19.02 14.11
CA GLY B 20 -23.10 19.36 15.28
C GLY B 20 -22.72 18.13 16.10
N TRP B 21 -21.87 18.33 17.11
CA TRP B 21 -21.40 17.26 17.97
C TRP B 21 -22.29 17.11 19.20
N TYR B 22 -22.69 18.24 19.77
CA TYR B 22 -23.57 18.22 20.92
C TYR B 22 -24.85 18.96 20.58
N GLY B 23 -25.96 18.57 21.17
CA GLY B 23 -27.21 19.19 20.80
C GLY B 23 -28.36 19.03 21.77
N PHE B 24 -29.49 19.59 21.38
CA PHE B 24 -30.72 19.57 22.14
C PHE B 24 -31.78 18.79 21.41
N ARG B 25 -32.59 18.06 22.16
CA ARG B 25 -33.75 17.37 21.62
C ARG B 25 -34.92 17.54 22.56
N HIS B 26 -36.01 18.10 22.04
CA HIS B 26 -37.14 18.42 22.89
C HIS B 26 -38.41 17.78 22.40
N GLN B 27 -39.39 17.68 23.28
CA GLN B 27 -40.74 17.38 22.86
C GLN B 27 -41.72 18.20 23.68
N ASN B 28 -42.59 18.88 22.96
CA ASN B 28 -43.67 19.67 23.54
C ASN B 28 -44.92 19.43 22.71
N ALA B 29 -45.96 20.22 22.95
CA ALA B 29 -47.20 20.10 22.20
C ALA B 29 -46.96 20.32 20.71
N GLN B 30 -45.94 21.11 20.38
CA GLN B 30 -45.60 21.38 18.98
C GLN B 30 -44.93 20.17 18.33
N GLY B 31 -44.49 19.22 19.14
CA GLY B 31 -43.85 18.03 18.61
C GLY B 31 -42.42 17.88 19.05
N GLU B 32 -41.62 17.22 18.23
CA GLU B 32 -40.25 16.90 18.58
C GLU B 32 -39.31 17.73 17.71
N GLY B 33 -38.15 18.06 18.25
CA GLY B 33 -37.16 18.79 17.49
C GLY B 33 -35.76 18.51 17.98
N THR B 34 -34.79 18.73 17.11
CA THR B 34 -33.38 18.54 17.45
C THR B 34 -32.53 19.64 16.84
N ALA B 35 -31.68 20.26 17.65
CA ALA B 35 -30.79 21.32 17.19
C ALA B 35 -29.42 21.15 17.85
N ALA B 36 -28.39 21.62 17.18
CA ALA B 36 -27.04 21.49 17.69
C ALA B 36 -26.66 22.71 18.49
N ASP B 37 -25.86 22.52 19.54
CA ASP B 37 -25.35 23.63 20.33
C ASP B 37 -24.00 24.03 19.73
N TYR B 38 -23.82 25.32 19.46
CA TYR B 38 -22.63 25.77 18.75
C TYR B 38 -21.40 25.80 19.66
N LYS B 39 -21.54 26.45 20.81
CA LYS B 39 -20.41 26.69 21.70
C LYS B 39 -19.72 25.41 22.16
N SER B 40 -20.49 24.40 22.53
CA SER B 40 -19.90 23.14 23.01
C SER B 40 -19.26 22.39 21.86
N THR B 41 -19.92 22.40 20.70
CA THR B 41 -19.38 21.71 19.54
C THR B 41 -18.10 22.37 19.07
N GLN B 42 -18.07 23.71 19.05
CA GLN B 42 -16.89 24.41 18.58
C GLN B 42 -15.69 24.26 19.51
N SER B 43 -15.96 24.21 20.81
CA SER B 43 -14.91 23.97 21.79
C SER B 43 -14.21 22.63 21.51
N ALA B 44 -15.01 21.60 21.30
CA ALA B 44 -14.47 20.27 21.07
C ALA B 44 -13.67 20.22 19.78
N ILE B 45 -14.21 20.81 18.72
CA ILE B 45 -13.53 20.84 17.44
C ILE B 45 -12.21 21.64 17.51
N ASP B 46 -12.21 22.75 18.25
CA ASP B 46 -11.00 23.56 18.40
C ASP B 46 -9.90 22.79 19.13
N GLN B 47 -10.27 22.03 20.15
CA GLN B 47 -9.29 21.26 20.90
C GLN B 47 -8.72 20.09 20.10
N ILE B 48 -9.55 19.43 19.31
CA ILE B 48 -9.11 18.30 18.50
C ILE B 48 -8.21 18.77 17.36
N THR B 49 -8.61 19.84 16.67
CA THR B 49 -7.79 20.39 15.60
C THR B 49 -6.48 20.94 16.20
N GLY B 50 -6.55 21.42 17.43
CA GLY B 50 -5.37 21.89 18.14
C GLY B 50 -4.36 20.77 18.31
N LYS B 51 -4.86 19.57 18.59
CA LYS B 51 -4.01 18.39 18.69
C LYS B 51 -3.36 18.07 17.37
N LEU B 52 -4.17 18.16 16.31
CA LEU B 52 -3.73 17.82 14.96
C LEU B 52 -2.58 18.70 14.51
N ASN B 53 -2.74 20.01 14.71
CA ASN B 53 -1.71 20.97 14.31
C ASN B 53 -0.42 20.73 15.09
N ARG B 54 -0.57 20.37 16.36
CA ARG B 54 0.59 20.10 17.21
C ARG B 54 1.39 18.91 16.67
N LEU B 55 0.70 17.97 16.02
CA LEU B 55 1.36 16.78 15.49
C LEU B 55 1.85 17.01 14.05
N ILE B 56 1.59 18.20 13.53
CA ILE B 56 2.02 18.53 12.17
C ILE B 56 3.33 19.31 12.20
N GLU B 57 3.58 19.98 13.33
CA GLU B 57 4.80 20.74 13.56
C GLU B 57 6.04 19.96 13.13
N LYS B 58 6.49 20.24 11.92
CA LYS B 58 7.56 19.49 11.28
C LYS B 58 8.92 19.74 11.94
N THR B 59 9.80 18.77 11.79
CA THR B 59 11.16 18.87 12.33
C THR B 59 12.09 19.48 11.28
N ASN B 60 13.06 20.25 11.75
CA ASN B 60 14.03 20.87 10.85
C ASN B 60 15.36 20.12 10.86
N GLN B 61 15.39 18.98 11.55
CA GLN B 61 16.59 18.16 11.60
C GLN B 61 16.70 17.36 10.31
N GLN B 62 17.84 17.49 9.65
CA GLN B 62 18.10 16.75 8.42
C GLN B 62 19.04 15.59 8.72
N PHE B 63 18.75 14.43 8.14
CA PHE B 63 19.63 13.28 8.29
C PHE B 63 20.17 12.82 6.94
N GLU B 64 21.44 12.40 6.94
CA GLU B 64 22.08 11.93 5.74
C GLU B 64 22.46 10.46 5.87
N LEU B 65 22.83 9.86 4.74
CA LEU B 65 23.22 8.46 4.68
C LEU B 65 24.41 8.19 5.58
N ILE B 66 24.35 7.09 6.32
CA ILE B 66 25.43 6.73 7.23
C ILE B 66 25.98 5.36 6.84
N ASP B 67 25.25 4.67 5.96
CA ASP B 67 25.75 3.44 5.36
C ASP B 67 25.37 3.39 3.88
N ASN B 68 25.49 2.21 3.28
CA ASN B 68 25.44 2.04 1.83
C ASN B 68 24.73 0.74 1.48
N GLU B 69 23.70 0.83 0.62
CA GLU B 69 22.95 -0.37 0.23
C GLU B 69 23.32 -0.90 -1.16
N PHE B 70 24.36 -0.33 -1.77
CA PHE B 70 24.95 -0.90 -2.97
C PHE B 70 26.25 -1.61 -2.61
N ASN B 71 27.15 -0.87 -1.96
CA ASN B 71 28.41 -1.41 -1.45
C ASN B 71 28.42 -1.44 0.07
N GLU B 72 28.05 -2.60 0.63
CA GLU B 72 27.89 -2.74 2.07
C GLU B 72 29.14 -2.32 2.83
N VAL B 73 28.95 -1.54 3.90
CA VAL B 73 30.07 -1.04 4.68
C VAL B 73 30.73 -2.17 5.46
N GLU B 74 31.83 -1.86 6.13
CA GLU B 74 32.57 -2.84 6.92
C GLU B 74 31.67 -3.44 8.00
N LYS B 75 31.87 -4.73 8.27
CA LYS B 75 30.97 -5.49 9.16
C LYS B 75 30.80 -4.89 10.55
N GLN B 76 31.91 -4.59 11.20
CA GLN B 76 31.86 -4.14 12.57
C GLN B 76 31.11 -2.81 12.69
N ILE B 77 31.52 -1.80 11.92
CA ILE B 77 30.85 -0.51 11.98
C ILE B 77 29.43 -0.61 11.45
N GLY B 78 29.19 -1.56 10.55
CA GLY B 78 27.86 -1.76 9.97
C GLY B 78 26.90 -2.34 11.00
N ASN B 79 27.37 -3.33 11.76
CA ASN B 79 26.55 -3.90 12.83
C ASN B 79 26.29 -2.90 13.95
N VAL B 80 27.27 -2.05 14.24
CA VAL B 80 27.06 -1.00 15.24
C VAL B 80 25.97 -0.04 14.77
N ILE B 81 26.04 0.35 13.49
CA ILE B 81 25.05 1.24 12.90
C ILE B 81 23.65 0.64 12.91
N ASN B 82 23.53 -0.62 12.46
CA ASN B 82 22.24 -1.31 12.45
C ASN B 82 21.66 -1.43 13.86
N TRP B 83 22.51 -1.79 14.82
CA TRP B 83 22.09 -1.92 16.20
C TRP B 83 21.59 -0.58 16.77
N THR B 84 22.23 0.50 16.35
CA THR B 84 21.84 1.83 16.81
C THR B 84 20.51 2.24 16.18
N ARG B 85 20.37 2.00 14.88
CA ARG B 85 19.16 2.39 14.17
C ARG B 85 17.96 1.62 14.69
N ASP B 86 18.12 0.31 14.85
CA ASP B 86 17.03 -0.53 15.32
C ASP B 86 16.65 -0.15 16.75
N SER B 87 17.63 0.27 17.52
CA SER B 87 17.38 0.74 18.88
C SER B 87 16.56 2.01 18.86
N ILE B 88 16.91 2.91 17.94
CA ILE B 88 16.21 4.18 17.82
C ILE B 88 14.79 3.97 17.26
N THR B 89 14.65 3.01 16.35
CA THR B 89 13.34 2.65 15.82
C THR B 89 12.42 2.09 16.90
N GLU B 90 12.96 1.25 17.78
CA GLU B 90 12.17 0.73 18.91
C GLU B 90 11.67 1.89 19.76
N VAL B 91 12.52 2.90 19.94
CA VAL B 91 12.19 4.04 20.77
C VAL B 91 11.07 4.86 20.14
N TRP B 92 11.17 5.16 18.85
CA TRP B 92 10.11 5.93 18.20
C TRP B 92 8.83 5.12 18.05
N SER B 93 8.95 3.82 17.82
CA SER B 93 7.78 2.96 17.71
C SER B 93 7.00 2.97 19.02
N TYR B 94 7.74 2.92 20.12
CA TYR B 94 7.14 3.01 21.43
C TYR B 94 6.50 4.38 21.64
N ASN B 95 7.26 5.44 21.37
CA ASN B 95 6.77 6.80 21.50
C ASN B 95 5.49 7.03 20.72
N ALA B 96 5.47 6.55 19.48
CA ALA B 96 4.32 6.71 18.61
C ALA B 96 3.09 6.02 19.20
N GLU B 97 3.27 4.77 19.62
CA GLU B 97 2.22 3.96 20.19
C GLU B 97 1.64 4.64 21.43
N LEU B 98 2.53 5.09 22.31
CA LEU B 98 2.14 5.73 23.55
C LEU B 98 1.45 7.08 23.33
N LEU B 99 1.99 7.87 22.40
CA LEU B 99 1.42 9.17 22.07
C LEU B 99 -0.03 9.07 21.63
N VAL B 100 -0.28 8.22 20.64
CA VAL B 100 -1.61 8.05 20.07
C VAL B 100 -2.58 7.52 21.14
N ALA B 101 -2.14 6.51 21.89
CA ALA B 101 -2.98 5.93 22.94
C ALA B 101 -3.34 6.97 23.99
N MET B 102 -2.36 7.81 24.34
CA MET B 102 -2.54 8.83 25.35
C MET B 102 -3.47 9.92 24.82
N GLU B 103 -3.20 10.40 23.61
CA GLU B 103 -4.03 11.42 22.99
C GLU B 103 -5.47 10.95 22.79
N ASN B 104 -5.63 9.69 22.38
CA ASN B 104 -6.96 9.14 22.16
C ASN B 104 -7.77 9.06 23.45
N GLN B 105 -7.11 8.70 24.54
CA GLN B 105 -7.75 8.65 25.84
C GLN B 105 -8.22 10.04 26.25
N HIS B 106 -7.38 11.03 25.97
CA HIS B 106 -7.70 12.41 26.29
C HIS B 106 -8.80 12.98 25.41
N THR B 107 -8.76 12.66 24.12
CA THR B 107 -9.77 13.14 23.17
C THR B 107 -11.15 12.66 23.62
N ILE B 108 -11.23 11.37 23.93
CA ILE B 108 -12.45 10.76 24.42
C ILE B 108 -12.94 11.39 25.73
N ASP B 109 -12.03 11.61 26.68
CA ASP B 109 -12.37 12.15 27.99
C ASP B 109 -12.82 13.61 27.93
N LEU B 110 -12.16 14.44 27.13
CA LEU B 110 -12.52 15.85 27.07
C LEU B 110 -13.86 15.98 26.34
N ALA B 111 -14.14 15.01 25.48
CA ALA B 111 -15.40 14.98 24.77
C ALA B 111 -16.52 14.64 25.74
N ASP B 112 -16.27 13.65 26.61
CA ASP B 112 -17.23 13.31 27.65
C ASP B 112 -17.43 14.50 28.58
N SER B 113 -16.34 15.24 28.81
CA SER B 113 -16.38 16.40 29.68
C SER B 113 -17.29 17.49 29.14
N GLU B 114 -17.16 17.78 27.84
CA GLU B 114 -17.99 18.80 27.20
C GLU B 114 -19.47 18.46 27.30
N MET B 115 -19.79 17.17 27.21
CA MET B 115 -21.16 16.71 27.32
C MET B 115 -21.72 17.01 28.71
N ASP B 116 -20.93 16.71 29.73
CA ASP B 116 -21.30 17.00 31.11
C ASP B 116 -21.47 18.50 31.36
N LYS B 117 -20.57 19.31 30.82
CA LYS B 117 -20.62 20.77 31.03
C LYS B 117 -21.89 21.37 30.42
N LEU B 118 -22.30 20.81 29.29
CA LEU B 118 -23.51 21.26 28.61
C LEU B 118 -24.74 20.89 29.43
N TYR B 119 -24.76 19.64 29.88
CA TYR B 119 -25.85 19.12 30.70
C TYR B 119 -25.98 19.91 32.01
N GLU B 120 -24.86 20.17 32.65
CA GLU B 120 -24.85 20.90 33.91
C GLU B 120 -25.28 22.36 33.72
N ARG B 121 -24.94 22.93 32.57
CA ARG B 121 -25.32 24.31 32.26
C ARG B 121 -26.83 24.41 32.16
N VAL B 122 -27.42 23.50 31.38
CA VAL B 122 -28.86 23.47 31.18
C VAL B 122 -29.56 23.24 32.51
N LYS B 123 -29.00 22.36 33.34
CA LYS B 123 -29.54 22.09 34.66
C LYS B 123 -29.62 23.36 35.51
N ARG B 124 -28.59 24.20 35.37
CA ARG B 124 -28.53 25.43 36.12
C ARG B 124 -29.45 26.51 35.56
N GLN B 125 -29.77 26.41 34.27
CA GLN B 125 -30.71 27.36 33.66
C GLN B 125 -32.10 27.08 34.21
N LEU B 126 -32.46 25.81 34.26
CA LEU B 126 -33.82 25.41 34.59
C LEU B 126 -34.13 25.52 36.09
N ARG B 127 -33.07 25.64 36.90
CA ARG B 127 -33.24 25.83 38.35
C ARG B 127 -34.16 24.80 38.98
N GLU B 128 -35.28 25.30 39.51
CA GLU B 128 -36.21 24.48 40.26
C GLU B 128 -37.47 24.19 39.45
N ASN B 129 -37.40 24.42 38.13
CA ASN B 129 -38.54 24.21 37.26
C ASN B 129 -38.47 22.89 36.51
N ALA B 130 -37.49 22.06 36.85
CA ALA B 130 -37.31 20.79 36.16
C ALA B 130 -36.69 19.70 37.04
N GLU B 131 -36.79 18.47 36.56
CA GLU B 131 -36.18 17.32 37.24
C GLU B 131 -35.50 16.40 36.22
N GLU B 132 -34.42 15.77 36.63
CA GLU B 132 -33.68 14.86 35.75
C GLU B 132 -34.44 13.54 35.64
N ASP B 133 -34.54 13.01 34.42
CA ASP B 133 -35.25 11.75 34.19
C ASP B 133 -34.28 10.59 34.27
N GLY B 134 -33.00 10.89 34.31
CA GLY B 134 -31.99 9.85 34.41
C GLY B 134 -31.47 9.32 33.09
N THR B 135 -31.89 9.92 31.97
CA THR B 135 -31.37 9.54 30.65
C THR B 135 -30.71 10.72 29.94
N GLY B 136 -30.37 11.76 30.70
CA GLY B 136 -29.76 12.94 30.13
C GLY B 136 -30.78 13.99 29.71
N CYS B 137 -32.01 13.82 30.19
CA CYS B 137 -33.09 14.74 29.86
C CYS B 137 -33.61 15.47 31.08
N PHE B 138 -34.39 16.51 30.83
CA PHE B 138 -35.04 17.25 31.91
C PHE B 138 -36.56 17.25 31.72
N GLU B 139 -37.29 16.75 32.71
CA GLU B 139 -38.75 16.91 32.67
C GLU B 139 -39.09 18.32 33.14
N ILE B 140 -39.69 19.10 32.24
CA ILE B 140 -40.01 20.48 32.53
C ILE B 140 -41.44 20.58 33.09
N PHE B 141 -41.56 21.12 34.30
CA PHE B 141 -42.85 21.13 35.00
C PHE B 141 -43.70 22.37 34.70
N HIS B 142 -43.56 22.87 33.48
CA HIS B 142 -44.41 23.93 32.99
C HIS B 142 -44.53 23.81 31.48
N LYS B 143 -45.38 24.65 30.88
CA LYS B 143 -45.58 24.65 29.45
C LYS B 143 -44.36 25.24 28.76
N CYS B 144 -43.71 24.47 27.91
CA CYS B 144 -42.55 25.01 27.21
C CYS B 144 -42.69 24.85 25.70
N ASP B 145 -43.25 25.86 25.05
CA ASP B 145 -43.45 25.83 23.61
C ASP B 145 -42.11 25.99 22.88
N ASP B 146 -42.15 26.02 21.54
CA ASP B 146 -40.93 26.09 20.75
C ASP B 146 -40.10 27.32 21.09
N ASP B 147 -40.79 28.41 21.38
CA ASP B 147 -40.11 29.65 21.74
C ASP B 147 -39.41 29.51 23.09
N CYS B 148 -40.05 28.79 24.01
CA CYS B 148 -39.47 28.52 25.32
C CYS B 148 -38.26 27.59 25.18
N MET B 149 -38.40 26.56 24.35
CA MET B 149 -37.33 25.61 24.08
C MET B 149 -36.12 26.31 23.44
N ALA B 150 -36.40 27.26 22.55
CA ALA B 150 -35.32 28.00 21.91
C ALA B 150 -34.62 28.92 22.91
N SER B 151 -35.37 29.43 23.88
CA SER B 151 -34.80 30.33 24.88
C SER B 151 -33.80 29.59 25.76
N ILE B 152 -34.04 28.30 25.97
CA ILE B 152 -33.14 27.47 26.77
C ILE B 152 -31.84 27.25 26.01
N ARG B 153 -31.94 27.03 24.71
CA ARG B 153 -30.79 26.76 23.86
C ARG B 153 -29.84 27.96 23.74
N ASN B 154 -30.38 29.18 23.78
CA ASN B 154 -29.51 30.37 23.68
C ASN B 154 -29.36 31.11 25.01
N ASN B 155 -29.60 30.40 26.11
CA ASN B 155 -29.42 30.93 27.46
C ASN B 155 -30.17 32.24 27.75
N THR B 156 -31.38 32.37 27.23
CA THR B 156 -32.21 33.55 27.52
C THR B 156 -33.42 33.13 28.35
N TYR B 157 -33.35 31.93 28.91
CA TYR B 157 -34.44 31.38 29.71
C TYR B 157 -34.39 31.95 31.12
N ASP B 158 -35.46 32.67 31.49
CA ASP B 158 -35.57 33.22 32.84
C ASP B 158 -36.50 32.33 33.65
N HIS B 159 -35.91 31.58 34.58
CA HIS B 159 -36.66 30.63 35.38
C HIS B 159 -37.67 31.31 36.31
N SER B 160 -37.48 32.60 36.55
CA SER B 160 -38.38 33.35 37.42
C SER B 160 -39.79 33.39 36.86
N LYS B 161 -39.88 33.36 35.53
CA LYS B 161 -41.14 33.50 34.80
C LYS B 161 -42.04 32.27 34.95
N TYR B 162 -41.43 31.10 35.12
CA TYR B 162 -42.19 29.86 35.15
C TYR B 162 -42.18 29.20 36.52
N ARG B 163 -41.48 29.82 37.47
CA ARG B 163 -41.22 29.21 38.76
C ARG B 163 -42.51 28.86 39.53
N GLU B 164 -43.45 29.82 39.64
CA GLU B 164 -44.72 29.55 40.31
C GLU B 164 -45.41 28.32 39.72
N GLU B 165 -45.69 28.39 38.42
CA GLU B 165 -46.31 27.31 37.67
C GLU B 165 -45.58 25.98 37.84
N ALA B 166 -44.25 26.02 37.82
CA ALA B 166 -43.46 24.80 37.88
C ALA B 166 -43.43 24.17 39.27
N MET B 167 -43.15 24.99 40.28
CA MET B 167 -43.09 24.49 41.66
C MET B 167 -44.43 23.90 42.08
N GLN B 168 -45.52 24.48 41.59
CA GLN B 168 -46.86 23.95 41.84
C GLN B 168 -46.96 22.51 41.35
N ASN B 169 -46.66 22.32 40.06
CA ASN B 169 -46.76 21.00 39.45
C ASN B 169 -45.79 19.98 40.03
N ARG B 170 -44.66 20.44 40.56
CA ARG B 170 -43.67 19.55 41.17
C ARG B 170 -44.14 19.01 42.52
N ILE B 171 -44.72 19.89 43.33
CA ILE B 171 -45.12 19.56 44.69
C ILE B 171 -46.42 18.73 44.73
N GLN B 172 -47.33 19.00 43.80
CA GLN B 172 -48.52 18.16 43.68
C GLN B 172 -49.23 18.37 42.35
N ASP C 1 -29.40 -44.62 43.24
CA ASP C 1 -28.48 -43.54 42.86
C ASP C 1 -27.96 -43.74 41.43
N LYS C 2 -27.86 -42.65 40.68
CA LYS C 2 -27.67 -42.73 39.24
C LYS C 2 -26.94 -41.52 38.67
N ILE C 3 -26.04 -41.76 37.73
CA ILE C 3 -25.38 -40.66 36.99
C ILE C 3 -25.45 -40.89 35.47
N CYS C 4 -25.88 -39.86 34.75
CA CYS C 4 -26.07 -39.97 33.30
C CYS C 4 -25.19 -39.02 32.51
N LEU C 5 -24.74 -39.48 31.34
CA LEU C 5 -23.96 -38.65 30.43
C LEU C 5 -24.83 -38.21 29.26
N GLY C 6 -24.73 -36.93 28.90
CA GLY C 6 -25.52 -36.41 27.82
C GLY C 6 -24.86 -35.27 27.07
N HIS C 7 -25.59 -34.73 26.12
CA HIS C 7 -25.13 -33.61 25.31
C HIS C 7 -26.28 -32.64 25.13
N HIS C 8 -25.96 -31.38 24.85
CA HIS C 8 -27.01 -30.37 24.74
C HIS C 8 -27.77 -30.51 23.43
N ALA C 9 -28.90 -29.82 23.36
CA ALA C 9 -29.74 -29.83 22.17
C ALA C 9 -30.73 -28.69 22.26
N VAL C 10 -31.34 -28.33 21.13
CA VAL C 10 -32.30 -27.25 21.11
C VAL C 10 -33.50 -27.60 20.25
N SER C 11 -34.51 -26.74 20.26
CA SER C 11 -35.66 -26.86 19.38
C SER C 11 -35.54 -25.90 18.20
N ASN C 12 -34.57 -24.99 18.30
CA ASN C 12 -34.33 -24.00 17.24
C ASN C 12 -33.27 -24.51 16.27
N GLY C 13 -33.40 -25.78 15.87
CA GLY C 13 -32.39 -26.44 15.07
C GLY C 13 -32.40 -26.05 13.60
N THR C 14 -31.21 -26.01 12.99
CA THR C 14 -31.06 -25.63 11.59
C THR C 14 -30.49 -26.77 10.74
N LYS C 15 -31.02 -26.93 9.53
CA LYS C 15 -30.68 -28.06 8.67
C LYS C 15 -29.39 -27.84 7.89
N VAL C 16 -28.60 -28.89 7.73
CA VAL C 16 -27.40 -28.87 6.89
C VAL C 16 -27.31 -30.18 6.09
N ASN C 17 -26.30 -30.29 5.24
CA ASN C 17 -26.11 -31.50 4.43
C ASN C 17 -24.80 -32.22 4.70
N THR C 18 -24.79 -33.52 4.44
CA THR C 18 -23.60 -34.34 4.59
C THR C 18 -23.37 -35.19 3.34
N LEU C 19 -22.44 -36.14 3.43
CA LEU C 19 -22.22 -37.10 2.35
C LEU C 19 -23.46 -37.97 2.17
N THR C 20 -24.15 -38.23 3.28
CA THR C 20 -25.28 -39.15 3.29
C THR C 20 -26.62 -38.40 3.32
N GLU C 21 -26.81 -37.56 4.32
CA GLU C 21 -28.11 -36.94 4.56
C GLU C 21 -28.28 -35.59 3.88
N ARG C 22 -29.55 -35.24 3.64
CA ARG C 22 -29.93 -33.94 3.14
C ARG C 22 -30.94 -33.30 4.08
N GLY C 23 -30.49 -32.33 4.87
CA GLY C 23 -31.38 -31.61 5.77
C GLY C 23 -31.31 -32.06 7.22
N VAL C 24 -30.18 -32.63 7.63
CA VAL C 24 -30.00 -33.02 9.02
C VAL C 24 -29.85 -31.81 9.93
N GLU C 25 -30.62 -31.77 11.02
CA GLU C 25 -30.57 -30.64 11.94
C GLU C 25 -29.39 -30.74 12.89
N VAL C 26 -28.66 -29.64 13.01
CA VAL C 26 -27.58 -29.52 13.98
C VAL C 26 -27.84 -28.32 14.88
N VAL C 27 -27.03 -28.18 15.93
CA VAL C 27 -27.25 -27.16 16.96
C VAL C 27 -26.97 -25.75 16.45
N ASN C 28 -25.92 -25.60 15.64
CA ASN C 28 -25.53 -24.29 15.14
C ASN C 28 -24.81 -24.39 13.79
N ALA C 29 -25.04 -23.41 12.93
CA ALA C 29 -24.43 -23.39 11.61
C ALA C 29 -24.18 -21.96 11.14
N THR C 30 -23.31 -21.82 10.14
CA THR C 30 -23.04 -20.51 9.56
C THR C 30 -22.95 -20.62 8.04
N GLU C 31 -23.18 -19.50 7.36
CA GLU C 31 -23.17 -19.49 5.90
C GLU C 31 -21.74 -19.38 5.38
N THR C 32 -21.48 -20.04 4.26
CA THR C 32 -20.15 -20.04 3.63
C THR C 32 -20.21 -19.29 2.30
N VAL C 33 -21.43 -18.97 1.87
CA VAL C 33 -21.64 -18.31 0.59
C VAL C 33 -22.06 -16.85 0.78
N GLU C 34 -21.20 -15.93 0.38
CA GLU C 34 -21.49 -14.51 0.55
C GLU C 34 -22.55 -14.04 -0.43
N ARG C 35 -23.52 -13.29 0.08
CA ARG C 35 -24.57 -12.71 -0.76
C ARG C 35 -24.80 -11.24 -0.41
N THR C 36 -24.08 -10.76 0.60
CA THR C 36 -24.27 -9.39 1.06
C THR C 36 -23.40 -8.45 0.25
N ASN C 37 -24.05 -7.63 -0.57
CA ASN C 37 -23.37 -6.74 -1.48
C ASN C 37 -23.33 -5.32 -0.96
N ILE C 38 -22.18 -4.67 -1.12
CA ILE C 38 -22.04 -3.26 -0.79
C ILE C 38 -22.16 -2.46 -2.08
N PRO C 39 -23.31 -1.80 -2.27
CA PRO C 39 -23.57 -1.07 -3.52
C PRO C 39 -22.76 0.21 -3.68
N ARG C 40 -21.49 0.16 -3.26
CA ARG C 40 -20.55 1.26 -3.44
C ARG C 40 -19.17 0.73 -3.76
N ILE C 41 -18.29 1.62 -4.20
CA ILE C 41 -16.89 1.27 -4.44
C ILE C 41 -16.01 1.69 -3.27
N CYS C 42 -15.62 0.71 -2.46
CA CYS C 42 -14.77 0.96 -1.31
C CYS C 42 -13.34 1.24 -1.74
N SER C 43 -12.92 2.50 -1.62
CA SER C 43 -11.66 2.95 -2.21
C SER C 43 -10.62 3.39 -1.17
N LYS C 44 -10.95 3.22 0.11
CA LYS C 44 -10.04 3.62 1.19
C LYS C 44 -8.66 2.97 1.06
N GLY C 45 -7.62 3.79 1.17
CA GLY C 45 -6.26 3.30 1.09
C GLY C 45 -5.77 3.26 -0.34
N LYS C 46 -6.70 3.35 -1.28
CA LYS C 46 -6.36 3.29 -2.70
C LYS C 46 -6.59 4.62 -3.41
N ARG C 47 -5.59 5.05 -4.16
CA ARG C 47 -5.67 6.25 -5.00
C ARG C 47 -6.62 6.02 -6.18
N THR C 48 -7.74 6.74 -6.19
CA THR C 48 -8.83 6.43 -7.11
C THR C 48 -9.12 7.57 -8.09
N VAL C 49 -9.25 7.22 -9.36
CA VAL C 49 -9.64 8.17 -10.39
C VAL C 49 -10.92 7.70 -11.08
N ASP C 50 -11.91 8.58 -11.16
CA ASP C 50 -13.18 8.21 -11.79
C ASP C 50 -13.30 8.87 -13.16
N LEU C 51 -12.94 8.12 -14.20
CA LEU C 51 -12.84 8.64 -15.55
C LEU C 51 -14.15 9.28 -16.05
N GLY C 52 -15.28 8.80 -15.54
CA GLY C 52 -16.56 9.38 -15.87
C GLY C 52 -16.89 9.30 -17.36
N GLN C 53 -16.80 10.44 -18.03
CA GLN C 53 -17.09 10.51 -19.45
C GLN C 53 -15.83 10.25 -20.28
N CYS C 54 -14.69 10.29 -19.61
CA CYS C 54 -13.42 9.97 -20.24
C CYS C 54 -13.24 8.47 -20.42
N GLY C 55 -13.02 8.04 -21.66
CA GLY C 55 -12.65 6.66 -21.93
C GLY C 55 -11.21 6.41 -21.53
N LEU C 56 -10.91 5.17 -21.14
CA LEU C 56 -9.57 4.83 -20.67
C LEU C 56 -8.51 5.05 -21.74
N LEU C 57 -8.83 4.70 -22.98
CA LEU C 57 -7.89 4.87 -24.09
C LEU C 57 -7.73 6.34 -24.45
N GLY C 58 -8.71 7.15 -24.08
CA GLY C 58 -8.69 8.57 -24.33
C GLY C 58 -7.58 9.27 -23.57
N THR C 59 -7.13 8.66 -22.48
CA THR C 59 -6.05 9.23 -21.69
C THR C 59 -4.75 9.30 -22.48
N ILE C 60 -4.65 8.50 -23.53
CA ILE C 60 -3.45 8.43 -24.34
C ILE C 60 -3.46 9.43 -25.51
N THR C 61 -4.61 9.56 -26.16
CA THR C 61 -4.77 10.42 -27.33
C THR C 61 -5.11 11.84 -26.88
N GLY C 62 -6.01 11.91 -25.91
CA GLY C 62 -6.36 13.18 -25.28
C GLY C 62 -7.53 13.92 -25.89
N PRO C 63 -8.73 13.29 -25.90
CA PRO C 63 -9.90 14.12 -26.23
C PRO C 63 -10.15 15.06 -25.06
N PRO C 64 -11.00 16.08 -25.26
CA PRO C 64 -11.30 17.02 -24.17
C PRO C 64 -11.74 16.32 -22.88
N GLN C 65 -12.50 15.22 -23.00
CA GLN C 65 -13.03 14.52 -21.83
C GLN C 65 -11.92 14.02 -20.91
N CYS C 66 -10.73 13.84 -21.47
CA CYS C 66 -9.63 13.22 -20.74
C CYS C 66 -8.50 14.19 -20.42
N ASP C 67 -8.78 15.48 -20.54
CA ASP C 67 -7.78 16.53 -20.32
C ASP C 67 -7.16 16.50 -18.91
N GLN C 68 -7.94 16.07 -17.93
CA GLN C 68 -7.47 16.05 -16.54
C GLN C 68 -6.57 14.85 -16.27
N PHE C 69 -6.65 13.83 -17.13
CA PHE C 69 -6.02 12.55 -16.85
C PHE C 69 -4.87 12.22 -17.80
N LEU C 70 -4.37 13.22 -18.54
CA LEU C 70 -3.35 12.96 -19.55
C LEU C 70 -2.08 12.37 -18.96
N GLU C 71 -1.84 12.67 -17.70
CA GLU C 71 -0.71 12.10 -16.97
C GLU C 71 -1.19 11.69 -15.58
N PHE C 72 -2.39 11.12 -15.52
CA PHE C 72 -3.03 10.80 -14.26
C PHE C 72 -2.28 9.69 -13.53
N SER C 73 -2.53 9.58 -12.23
CA SER C 73 -1.88 8.56 -11.43
C SER C 73 -2.91 7.94 -10.49
N ALA C 74 -2.92 6.61 -10.41
CA ALA C 74 -3.94 5.94 -9.60
C ALA C 74 -3.55 4.53 -9.15
N ASP C 75 -4.21 4.07 -8.09
CA ASP C 75 -4.12 2.69 -7.65
C ASP C 75 -5.34 1.95 -8.16
N LEU C 76 -6.45 2.67 -8.26
CA LEU C 76 -7.71 2.11 -8.72
C LEU C 76 -8.35 2.96 -9.82
N ILE C 77 -8.64 2.33 -10.96
CA ILE C 77 -9.21 3.02 -12.12
C ILE C 77 -10.63 2.53 -12.39
N ILE C 78 -11.56 3.46 -12.56
CA ILE C 78 -12.96 3.09 -12.78
C ILE C 78 -13.49 3.58 -14.13
N GLU C 79 -13.84 2.65 -15.00
CA GLU C 79 -14.46 2.99 -16.27
C GLU C 79 -15.97 3.16 -16.08
N ARG C 80 -16.55 4.08 -16.85
CA ARG C 80 -18.00 4.30 -16.82
C ARG C 80 -18.61 4.08 -18.20
N ARG C 81 -19.87 3.68 -18.21
CA ARG C 81 -20.58 3.39 -19.46
C ARG C 81 -20.71 4.65 -20.33
N GLU C 82 -20.78 5.80 -19.67
CA GLU C 82 -20.85 7.08 -20.37
C GLU C 82 -19.46 7.46 -20.91
N GLY C 83 -18.44 6.74 -20.46
CA GLY C 83 -17.08 6.99 -20.90
C GLY C 83 -16.90 6.80 -22.39
N SER C 84 -16.02 7.60 -22.99
CA SER C 84 -15.72 7.50 -24.41
C SER C 84 -14.25 7.76 -24.69
N ASP C 85 -13.66 6.94 -25.57
CA ASP C 85 -12.25 7.06 -25.92
C ASP C 85 -12.02 8.14 -26.98
N VAL C 86 -13.10 8.75 -27.44
CA VAL C 86 -13.05 9.47 -28.71
C VAL C 86 -13.80 10.81 -28.68
N CYS C 87 -13.24 11.80 -29.39
CA CYS C 87 -13.95 13.01 -29.75
C CYS C 87 -14.28 12.94 -31.24
N TYR C 88 -13.25 12.95 -32.08
CA TYR C 88 -13.45 12.64 -33.49
C TYR C 88 -13.67 11.14 -33.64
N PRO C 89 -14.79 10.75 -34.26
CA PRO C 89 -15.26 9.36 -34.39
C PRO C 89 -14.18 8.40 -34.88
N GLY C 90 -14.10 7.25 -34.23
CA GLY C 90 -13.10 6.25 -34.58
C GLY C 90 -12.98 5.20 -33.51
N LYS C 91 -11.97 4.35 -33.63
CA LYS C 91 -11.74 3.28 -32.66
C LYS C 91 -10.29 2.82 -32.71
N PHE C 92 -9.85 2.14 -31.66
CA PHE C 92 -8.51 1.57 -31.63
C PHE C 92 -8.48 0.19 -32.26
N VAL C 93 -7.36 -0.17 -32.85
CA VAL C 93 -7.15 -1.55 -33.26
C VAL C 93 -6.58 -2.30 -32.06
N ASN C 94 -7.13 -3.47 -31.77
CA ASN C 94 -6.77 -4.24 -30.58
C ASN C 94 -6.94 -3.41 -29.32
N GLU C 95 -8.11 -2.79 -29.19
CA GLU C 95 -8.40 -1.84 -28.11
C GLU C 95 -8.36 -2.47 -26.73
N GLU C 96 -9.00 -3.63 -26.59
CA GLU C 96 -9.19 -4.24 -25.28
C GLU C 96 -7.86 -4.66 -24.68
N ALA C 97 -6.96 -5.13 -25.52
CA ALA C 97 -5.61 -5.47 -25.10
C ALA C 97 -4.93 -4.24 -24.52
N LEU C 98 -5.12 -3.10 -25.19
CA LEU C 98 -4.54 -1.85 -24.71
C LEU C 98 -5.17 -1.42 -23.40
N ARG C 99 -6.47 -1.65 -23.26
CA ARG C 99 -7.19 -1.32 -22.05
C ARG C 99 -6.64 -2.11 -20.87
N GLN C 100 -6.45 -3.41 -21.08
CA GLN C 100 -5.95 -4.30 -20.02
C GLN C 100 -4.57 -3.89 -19.54
N ILE C 101 -3.77 -3.37 -20.47
CA ILE C 101 -2.43 -2.90 -20.16
C ILE C 101 -2.51 -1.66 -19.28
N LEU C 102 -3.39 -0.74 -19.65
CA LEU C 102 -3.52 0.52 -18.93
C LEU C 102 -4.13 0.31 -17.55
N ARG C 103 -4.96 -0.72 -17.42
CA ARG C 103 -5.60 -1.02 -16.14
C ARG C 103 -4.58 -1.42 -15.08
N GLU C 104 -3.45 -1.97 -15.53
CA GLU C 104 -2.40 -2.43 -14.62
C GLU C 104 -1.13 -1.62 -14.82
N SER C 105 -1.28 -0.41 -15.37
CA SER C 105 -0.15 0.45 -15.65
C SER C 105 0.27 1.27 -14.44
N GLY C 106 -0.68 1.57 -13.58
CA GLY C 106 -0.44 2.44 -12.44
C GLY C 106 -0.59 3.90 -12.84
N GLY C 107 -1.15 4.13 -14.03
CA GLY C 107 -1.26 5.45 -14.60
C GLY C 107 -0.23 5.68 -15.69
N ILE C 108 -0.21 6.88 -16.26
CA ILE C 108 0.68 7.15 -17.39
C ILE C 108 1.53 8.41 -17.23
N ASP C 109 2.76 8.32 -17.72
CA ASP C 109 3.68 9.45 -17.80
C ASP C 109 3.90 9.83 -19.26
N LYS C 110 3.60 11.07 -19.62
CA LYS C 110 3.76 11.51 -21.00
C LYS C 110 5.11 12.19 -21.22
N GLU C 111 5.69 11.97 -22.39
CA GLU C 111 6.95 12.60 -22.75
C GLU C 111 6.95 12.95 -24.24
N ALA C 112 7.37 14.16 -24.56
CA ALA C 112 7.40 14.62 -25.94
C ALA C 112 8.32 13.76 -26.80
N MET C 113 7.91 13.52 -28.05
CA MET C 113 8.69 12.71 -28.96
C MET C 113 9.53 13.59 -29.88
N GLY C 114 9.19 14.87 -29.93
CA GLY C 114 10.02 15.86 -30.58
C GLY C 114 10.03 15.84 -32.09
N PHE C 115 8.85 15.80 -32.70
CA PHE C 115 8.75 15.88 -34.15
C PHE C 115 8.63 17.33 -34.61
N THR C 116 9.41 17.69 -35.63
CA THR C 116 9.38 19.03 -36.20
C THR C 116 9.00 18.92 -37.67
N TYR C 117 8.25 19.91 -38.16
CA TYR C 117 7.70 19.81 -39.51
C TYR C 117 7.93 21.08 -40.34
N SER C 118 8.10 20.90 -41.65
CA SER C 118 8.26 22.02 -42.56
C SER C 118 7.60 21.74 -43.92
N GLY C 119 6.92 22.74 -44.46
CA GLY C 119 6.24 22.62 -45.74
C GLY C 119 4.93 21.86 -45.59
N ILE C 120 4.19 22.18 -44.53
CA ILE C 120 3.08 21.35 -44.08
C ILE C 120 2.33 22.07 -42.94
N ARG C 121 1.01 21.86 -42.84
CA ARG C 121 0.25 22.37 -41.70
C ARG C 121 0.18 21.32 -40.59
N THR C 122 0.05 21.77 -39.34
CA THR C 122 -0.10 20.85 -38.22
C THR C 122 -1.34 21.16 -37.38
N ASN C 123 -2.07 22.21 -37.75
CA ASN C 123 -3.16 22.71 -36.92
C ASN C 123 -4.54 22.16 -37.27
N GLY C 124 -4.58 20.91 -37.72
CA GLY C 124 -5.84 20.24 -37.99
C GLY C 124 -6.75 20.19 -36.78
N ALA C 125 -7.98 20.68 -36.94
CA ALA C 125 -8.94 20.74 -35.84
C ALA C 125 -10.33 20.35 -36.33
N THR C 126 -11.27 20.17 -35.40
CA THR C 126 -12.62 19.77 -35.76
C THR C 126 -13.68 20.26 -34.77
N SER C 127 -14.93 20.27 -35.24
CA SER C 127 -16.06 20.63 -34.41
C SER C 127 -16.34 19.56 -33.36
N ALA C 128 -15.83 18.36 -33.59
CA ALA C 128 -16.10 17.23 -32.70
C ALA C 128 -15.23 17.24 -31.45
N CYS C 129 -14.10 17.93 -31.51
CA CYS C 129 -13.23 18.07 -30.35
C CYS C 129 -13.28 19.51 -29.86
N ARG C 130 -14.46 19.96 -29.46
CA ARG C 130 -14.62 21.35 -29.06
C ARG C 130 -13.95 21.62 -27.71
N ARG C 131 -13.01 22.54 -27.75
CA ARG C 131 -12.26 23.02 -26.60
C ARG C 131 -12.18 24.53 -26.70
N SER C 132 -13.04 25.22 -25.94
CA SER C 132 -13.33 26.64 -26.17
C SER C 132 -13.90 26.79 -27.58
N GLY C 133 -13.03 26.71 -28.58
CA GLY C 133 -13.45 26.66 -29.96
C GLY C 133 -13.17 25.26 -30.50
N SER C 134 -13.07 25.13 -31.81
CA SER C 134 -12.68 23.87 -32.43
C SER C 134 -11.26 23.48 -32.04
N SER C 135 -11.02 22.18 -31.86
CA SER C 135 -9.68 21.70 -31.50
C SER C 135 -9.45 20.26 -31.94
N PHE C 136 -8.55 19.57 -31.26
CA PHE C 136 -8.16 18.21 -31.66
C PHE C 136 -7.69 17.39 -30.46
N TYR C 137 -7.27 16.15 -30.72
CA TYR C 137 -6.65 15.31 -29.70
C TYR C 137 -5.40 15.98 -29.16
N ALA C 138 -5.30 16.07 -27.84
CA ALA C 138 -4.27 16.85 -27.18
C ALA C 138 -2.86 16.31 -27.40
N GLU C 139 -2.75 14.99 -27.58
CA GLU C 139 -1.44 14.36 -27.67
C GLU C 139 -1.04 14.10 -29.11
N MET C 140 -1.91 14.46 -30.03
CA MET C 140 -1.70 14.14 -31.44
C MET C 140 -1.62 15.40 -32.30
N LYS C 141 -1.03 15.25 -33.48
CA LYS C 141 -0.94 16.33 -34.45
C LYS C 141 -1.58 15.89 -35.76
N TRP C 142 -2.59 16.65 -36.20
CA TRP C 142 -3.26 16.37 -37.46
C TRP C 142 -2.53 17.10 -38.59
N LEU C 143 -1.81 16.34 -39.41
CA LEU C 143 -1.00 16.90 -40.49
C LEU C 143 -1.82 17.10 -41.76
N LEU C 144 -1.67 18.25 -42.39
CA LEU C 144 -2.33 18.52 -43.66
C LEU C 144 -1.32 18.85 -44.75
N SER C 145 -1.79 19.33 -45.89
CA SER C 145 -0.92 19.59 -47.03
C SER C 145 -0.23 20.93 -46.86
N ASN C 146 -1.01 22.01 -46.97
CA ASN C 146 -0.55 23.38 -46.72
C ASN C 146 -1.61 24.42 -47.07
N THR C 147 -2.26 24.24 -48.22
CA THR C 147 -3.27 25.17 -48.69
C THR C 147 -4.59 24.43 -48.97
N ASP C 148 -4.53 23.51 -49.93
CA ASP C 148 -5.67 22.72 -50.40
C ASP C 148 -5.27 21.95 -51.65
N ASN C 149 -5.52 20.65 -51.66
CA ASN C 149 -5.16 19.78 -52.79
C ASN C 149 -3.66 19.71 -53.06
N ALA C 150 -2.87 20.40 -52.25
CA ALA C 150 -1.43 20.45 -52.45
C ALA C 150 -0.86 19.07 -52.16
N ALA C 151 0.26 18.74 -52.79
CA ALA C 151 0.84 17.42 -52.61
C ALA C 151 1.40 17.32 -51.19
N PHE C 152 1.17 16.18 -50.54
CA PHE C 152 1.75 15.98 -49.23
C PHE C 152 3.12 15.38 -49.43
N PRO C 153 4.16 16.11 -48.98
CA PRO C 153 5.54 15.65 -49.16
C PRO C 153 5.77 14.31 -48.48
N GLN C 154 6.50 13.41 -49.13
CA GLN C 154 6.85 12.17 -48.49
C GLN C 154 7.74 12.51 -47.30
N MET C 155 7.42 11.94 -46.15
CA MET C 155 8.17 12.23 -44.94
C MET C 155 8.59 10.97 -44.20
N THR C 156 9.61 11.11 -43.38
CA THR C 156 10.08 10.02 -42.54
C THR C 156 10.50 10.56 -41.18
N LYS C 157 9.82 10.12 -40.14
CA LYS C 157 10.13 10.56 -38.78
C LYS C 157 10.39 9.36 -37.88
N SER C 158 11.43 9.47 -37.05
CA SER C 158 11.78 8.40 -36.14
C SER C 158 11.89 8.87 -34.69
N TYR C 159 11.78 7.94 -33.77
CA TYR C 159 11.88 8.24 -32.35
C TYR C 159 12.44 7.03 -31.60
N LYS C 160 13.53 7.25 -30.86
CA LYS C 160 14.12 6.19 -30.05
C LYS C 160 13.69 6.34 -28.59
N ASN C 161 13.36 5.22 -27.96
CA ASN C 161 13.02 5.21 -26.55
C ASN C 161 14.29 5.20 -25.71
N THR C 162 14.65 6.37 -25.19
CA THR C 162 15.89 6.51 -24.44
C THR C 162 15.71 6.16 -22.98
N ARG C 163 14.57 5.57 -22.64
CA ARG C 163 14.28 5.23 -21.25
C ARG C 163 14.43 3.75 -20.95
N LYS C 164 14.12 3.37 -19.72
CA LYS C 164 14.32 1.99 -19.24
C LYS C 164 13.01 1.21 -19.25
N SER C 165 11.92 1.92 -19.54
CA SER C 165 10.61 1.30 -19.65
C SER C 165 10.18 1.23 -21.10
N PRO C 166 9.29 0.28 -21.43
CA PRO C 166 8.78 0.23 -22.80
C PRO C 166 7.94 1.47 -23.09
N ALA C 167 8.00 1.99 -24.32
CA ALA C 167 7.24 3.18 -24.66
C ALA C 167 5.92 2.82 -25.34
N LEU C 168 4.85 3.49 -24.92
CA LEU C 168 3.56 3.28 -25.53
C LEU C 168 3.38 4.31 -26.64
N ILE C 169 3.26 3.82 -27.88
CA ILE C 169 3.23 4.67 -29.04
C ILE C 169 1.89 4.60 -29.75
N VAL C 170 1.33 5.72 -30.18
CA VAL C 170 0.05 5.71 -30.89
C VAL C 170 0.14 6.58 -32.14
N TRP C 171 -0.45 6.11 -33.23
CA TRP C 171 -0.53 6.89 -34.46
C TRP C 171 -1.89 6.64 -35.10
N GLY C 172 -2.28 7.49 -36.03
CA GLY C 172 -3.62 7.41 -36.56
C GLY C 172 -3.70 7.47 -38.07
N ILE C 173 -4.65 6.74 -38.62
CA ILE C 173 -4.94 6.80 -40.04
C ILE C 173 -6.28 7.50 -40.21
N HIS C 174 -6.32 8.51 -41.07
CA HIS C 174 -7.54 9.29 -41.26
C HIS C 174 -8.31 8.78 -42.46
N HIS C 175 -9.58 8.44 -42.25
CA HIS C 175 -10.41 7.98 -43.33
C HIS C 175 -11.44 9.05 -43.67
N SER C 176 -11.21 9.73 -44.79
CA SER C 176 -12.05 10.83 -45.20
C SER C 176 -13.39 10.31 -45.70
N VAL C 177 -14.38 11.19 -45.80
CA VAL C 177 -15.72 10.79 -46.23
C VAL C 177 -15.74 10.48 -47.72
N SER C 178 -14.79 11.06 -48.46
CA SER C 178 -14.72 10.89 -49.91
C SER C 178 -13.30 11.09 -50.41
N THR C 179 -13.00 10.53 -51.59
CA THR C 179 -11.68 10.70 -52.18
C THR C 179 -11.45 12.17 -52.47
N ALA C 180 -12.55 12.90 -52.66
CA ALA C 180 -12.49 14.34 -52.86
C ALA C 180 -11.97 15.04 -51.62
N GLU C 181 -12.45 14.63 -50.45
CA GLU C 181 -12.04 15.25 -49.20
C GLU C 181 -10.62 14.84 -48.84
N GLN C 182 -10.27 13.58 -49.12
CA GLN C 182 -8.92 13.10 -48.89
C GLN C 182 -7.91 13.88 -49.73
N THR C 183 -8.26 14.12 -50.99
CA THR C 183 -7.41 14.86 -51.92
C THR C 183 -7.29 16.32 -51.45
N LYS C 184 -8.40 16.87 -50.97
CA LYS C 184 -8.44 18.23 -50.48
C LYS C 184 -7.45 18.45 -49.34
N LEU C 185 -7.23 17.41 -48.55
CA LEU C 185 -6.40 17.54 -47.36
C LEU C 185 -4.95 17.12 -47.57
N TYR C 186 -4.74 16.04 -48.32
CA TYR C 186 -3.41 15.47 -48.44
C TYR C 186 -2.94 15.35 -49.88
N GLY C 187 -3.75 15.82 -50.82
CA GLY C 187 -3.42 15.77 -52.22
C GLY C 187 -3.91 14.51 -52.91
N SER C 188 -3.77 14.47 -54.23
CA SER C 188 -4.25 13.34 -55.02
C SER C 188 -3.37 12.11 -54.83
N GLY C 189 -3.68 11.05 -55.56
CA GLY C 189 -2.86 9.85 -55.57
C GLY C 189 -3.11 8.97 -54.36
N ASN C 190 -2.68 7.72 -54.44
CA ASN C 190 -2.82 6.80 -53.32
C ASN C 190 -1.94 7.25 -52.17
N LYS C 191 -2.34 6.86 -50.96
CA LYS C 191 -1.66 7.30 -49.76
C LYS C 191 -1.20 6.08 -48.98
N LEU C 192 0.02 6.12 -48.46
CA LEU C 192 0.60 4.98 -47.76
C LEU C 192 1.27 5.39 -46.45
N VAL C 193 1.10 4.58 -45.41
CA VAL C 193 1.75 4.82 -44.13
C VAL C 193 2.42 3.54 -43.66
N THR C 194 3.73 3.62 -43.40
CA THR C 194 4.48 2.45 -42.95
C THR C 194 5.08 2.69 -41.57
N VAL C 195 5.08 1.63 -40.76
CA VAL C 195 5.56 1.71 -39.39
C VAL C 195 6.59 0.62 -39.15
N GLY C 196 7.85 1.01 -38.91
CA GLY C 196 8.91 0.05 -38.75
C GLY C 196 9.57 0.10 -37.39
N SER C 197 9.71 -1.07 -36.77
CA SER C 197 10.37 -1.21 -35.48
C SER C 197 11.44 -2.29 -35.58
N SER C 198 11.74 -2.92 -34.44
CA SER C 198 12.69 -4.03 -34.41
C SER C 198 12.01 -5.30 -33.92
N ASN C 199 10.68 -5.28 -33.99
CA ASN C 199 9.86 -6.42 -33.58
C ASN C 199 8.45 -6.18 -34.10
N TYR C 200 8.30 -5.13 -34.91
CA TYR C 200 7.01 -4.75 -35.44
C TYR C 200 7.17 -4.23 -36.86
N GLN C 201 6.32 -4.74 -37.75
CA GLN C 201 6.29 -4.27 -39.13
C GLN C 201 4.87 -4.35 -39.67
N GLN C 202 4.34 -3.18 -40.05
CA GLN C 202 2.97 -3.08 -40.54
C GLN C 202 2.90 -1.99 -41.59
N SER C 203 1.75 -1.90 -42.26
CA SER C 203 1.55 -0.85 -43.24
C SER C 203 0.09 -0.43 -43.27
N PHE C 204 -0.17 0.79 -43.75
CA PHE C 204 -1.54 1.31 -43.71
C PHE C 204 -1.88 2.16 -44.92
N VAL C 205 -3.09 1.92 -45.44
CA VAL C 205 -3.62 2.66 -46.56
C VAL C 205 -4.99 3.18 -46.15
N PRO C 206 -5.28 4.46 -46.47
CA PRO C 206 -6.58 4.99 -46.04
C PRO C 206 -7.72 4.49 -46.91
N SER C 207 -8.93 4.55 -46.37
CA SER C 207 -10.10 4.06 -47.05
C SER C 207 -11.21 5.08 -47.01
N PRO C 208 -11.12 6.11 -47.87
CA PRO C 208 -12.16 7.14 -47.92
C PRO C 208 -13.46 6.57 -48.43
N GLY C 209 -14.58 7.02 -47.89
CA GLY C 209 -15.88 6.49 -48.26
C GLY C 209 -16.99 6.94 -47.33
N ALA C 210 -18.22 6.86 -47.80
CA ALA C 210 -19.37 7.33 -47.02
C ALA C 210 -19.61 6.42 -45.82
N ARG C 211 -19.89 7.06 -44.68
CA ARG C 211 -20.11 6.35 -43.44
C ARG C 211 -21.24 7.01 -42.67
N PRO C 212 -21.83 6.29 -41.69
CA PRO C 212 -22.91 6.90 -40.91
C PRO C 212 -22.41 8.13 -40.14
N GLN C 213 -23.25 9.15 -40.01
CA GLN C 213 -22.85 10.33 -39.26
C GLN C 213 -22.76 10.06 -37.76
N VAL C 214 -21.57 10.28 -37.20
CA VAL C 214 -21.36 10.22 -35.77
C VAL C 214 -20.81 11.57 -35.32
N ASN C 215 -21.48 12.18 -34.34
CA ASN C 215 -21.19 13.54 -33.92
C ASN C 215 -21.29 14.53 -35.08
N GLY C 216 -22.14 14.19 -36.05
CA GLY C 216 -22.31 15.01 -37.24
C GLY C 216 -21.28 14.75 -38.33
N LEU C 217 -20.34 13.86 -38.05
CA LEU C 217 -19.24 13.60 -38.98
C LEU C 217 -19.28 12.19 -39.55
N SER C 218 -18.90 12.07 -40.82
CA SER C 218 -18.92 10.79 -41.51
C SER C 218 -17.51 10.26 -41.75
N GLY C 219 -16.52 10.97 -41.21
CA GLY C 219 -15.15 10.54 -41.31
C GLY C 219 -14.72 9.71 -40.11
N ARG C 220 -13.69 8.90 -40.29
CA ARG C 220 -13.19 8.06 -39.20
C ARG C 220 -11.67 8.12 -39.07
N ILE C 221 -11.20 8.15 -37.83
CA ILE C 221 -9.79 7.98 -37.51
C ILE C 221 -9.61 6.68 -36.71
N ASP C 222 -8.87 5.71 -37.25
CA ASP C 222 -8.58 4.52 -36.45
C ASP C 222 -7.17 4.58 -35.88
N PHE C 223 -7.06 4.37 -34.58
CA PHE C 223 -5.77 4.46 -33.91
C PHE C 223 -5.09 3.10 -33.85
N HIS C 224 -3.78 3.13 -33.98
CA HIS C 224 -2.97 1.93 -33.84
C HIS C 224 -1.93 2.19 -32.79
N TRP C 225 -1.41 1.13 -32.19
CA TRP C 225 -0.44 1.29 -31.13
C TRP C 225 0.59 0.18 -31.11
N LEU C 226 1.75 0.47 -30.52
CA LEU C 226 2.76 -0.53 -30.26
C LEU C 226 3.49 -0.17 -28.99
N MET C 227 4.17 -1.15 -28.40
CA MET C 227 5.06 -0.88 -27.28
C MET C 227 6.49 -0.86 -27.80
N LEU C 228 7.20 0.22 -27.52
CA LEU C 228 8.57 0.37 -28.00
C LEU C 228 9.55 -0.08 -26.92
N ASN C 229 10.36 -1.09 -27.25
CA ASN C 229 11.39 -1.56 -26.35
C ASN C 229 12.47 -0.49 -26.13
N PRO C 230 13.10 -0.52 -24.95
CA PRO C 230 14.21 0.39 -24.62
C PRO C 230 15.29 0.38 -25.70
N ASN C 231 15.84 1.56 -25.99
CA ASN C 231 16.93 1.70 -26.97
C ASN C 231 16.55 1.32 -28.41
N ASP C 232 15.33 0.83 -28.60
CA ASP C 232 14.83 0.53 -29.94
C ASP C 232 14.23 1.78 -30.58
N THR C 233 14.07 1.77 -31.90
CA THR C 233 13.58 2.94 -32.62
C THR C 233 12.36 2.59 -33.47
N VAL C 234 11.38 3.50 -33.51
CA VAL C 234 10.29 3.40 -34.48
C VAL C 234 10.51 4.42 -35.58
N THR C 235 10.18 4.06 -36.80
CA THR C 235 10.28 4.98 -37.93
C THR C 235 8.95 5.03 -38.66
N PHE C 236 8.47 6.24 -38.91
CA PHE C 236 7.20 6.41 -39.62
C PHE C 236 7.44 6.94 -41.03
N SER C 237 7.00 6.17 -42.01
CA SER C 237 7.06 6.63 -43.39
C SER C 237 5.62 6.78 -43.87
N PHE C 238 5.30 7.97 -44.37
CA PHE C 238 3.93 8.31 -44.71
C PHE C 238 3.87 9.45 -45.71
N ASN C 239 2.71 9.65 -46.31
CA ASN C 239 2.53 10.71 -47.30
C ASN C 239 1.14 11.33 -47.24
N GLY C 240 0.49 11.20 -46.09
CA GLY C 240 -0.83 11.80 -45.91
C GLY C 240 -1.74 10.97 -45.04
N ALA C 241 -2.89 11.53 -44.68
CA ALA C 241 -3.90 10.84 -43.89
C ALA C 241 -3.34 10.29 -42.59
N PHE C 242 -2.26 10.90 -42.12
CA PHE C 242 -1.51 10.39 -40.98
C PHE C 242 -1.68 11.29 -39.77
N ILE C 243 -2.17 10.71 -38.69
CA ILE C 243 -2.28 11.44 -37.43
C ILE C 243 -1.07 11.12 -36.57
N ALA C 244 -0.15 12.08 -36.48
CA ALA C 244 1.13 11.86 -35.85
C ALA C 244 1.05 12.07 -34.35
N PRO C 245 1.83 11.31 -33.59
CA PRO C 245 1.93 11.50 -32.14
C PRO C 245 2.82 12.69 -31.79
N ASP C 246 2.52 13.36 -30.69
CA ASP C 246 3.35 14.44 -30.18
C ASP C 246 4.12 13.93 -28.98
N ARG C 247 3.48 13.05 -28.20
CA ARG C 247 4.09 12.50 -27.00
C ARG C 247 3.92 10.99 -26.89
N ALA C 248 4.86 10.33 -26.22
CA ALA C 248 4.74 8.90 -25.93
C ALA C 248 4.30 8.73 -24.49
N SER C 249 3.80 7.55 -24.15
CA SER C 249 3.33 7.30 -22.79
C SER C 249 4.16 6.24 -22.10
N PHE C 250 4.32 6.40 -20.80
CA PHE C 250 5.01 5.39 -20.00
C PHE C 250 4.16 5.01 -18.79
N LEU C 251 4.12 3.70 -18.52
CA LEU C 251 3.30 3.18 -17.45
C LEU C 251 3.96 3.53 -16.12
N ARG C 252 3.17 3.96 -15.14
CA ARG C 252 3.73 4.42 -13.88
C ARG C 252 4.19 3.26 -13.00
N GLY C 253 3.34 2.25 -12.85
CA GLY C 253 3.69 1.10 -12.03
C GLY C 253 2.70 -0.04 -12.07
N LYS C 254 1.85 -0.11 -11.05
CA LYS C 254 0.91 -1.21 -10.90
C LYS C 254 -0.42 -0.68 -10.40
N SER C 255 -1.52 -1.19 -10.96
CA SER C 255 -2.86 -0.77 -10.57
C SER C 255 -3.93 -1.78 -10.99
N MET C 256 -5.18 -1.44 -10.74
CA MET C 256 -6.31 -2.27 -11.14
C MET C 256 -7.47 -1.43 -11.67
N GLY C 257 -8.11 -1.92 -12.73
CA GLY C 257 -9.23 -1.24 -13.33
C GLY C 257 -10.53 -2.02 -13.19
N ILE C 258 -11.65 -1.29 -13.07
CA ILE C 258 -12.96 -1.92 -13.01
C ILE C 258 -13.99 -1.22 -13.89
N GLN C 259 -15.10 -1.91 -14.15
CA GLN C 259 -16.26 -1.32 -14.80
C GLN C 259 -17.38 -1.29 -13.77
N SER C 260 -17.93 -0.11 -13.52
CA SER C 260 -18.91 0.04 -12.45
C SER C 260 -20.00 1.08 -12.75
N GLY C 261 -21.10 0.97 -12.03
CA GLY C 261 -22.21 1.91 -12.16
C GLY C 261 -22.68 2.46 -10.82
N VAL C 262 -21.82 2.41 -9.82
CA VAL C 262 -22.17 2.95 -8.50
C VAL C 262 -21.12 3.94 -8.01
N GLN C 263 -21.49 4.76 -7.03
CA GLN C 263 -20.62 5.83 -6.54
C GLN C 263 -19.38 5.29 -5.81
N VAL C 264 -18.47 6.20 -5.49
CA VAL C 264 -17.22 5.85 -4.81
C VAL C 264 -17.31 6.17 -3.33
N ASP C 265 -16.61 5.40 -2.52
CA ASP C 265 -16.52 5.66 -1.09
C ASP C 265 -15.06 5.53 -0.66
N ALA C 266 -14.53 6.58 -0.06
CA ALA C 266 -13.13 6.59 0.37
C ALA C 266 -13.05 6.22 1.84
N ASN C 267 -14.19 5.83 2.39
CA ASN C 267 -14.27 5.45 3.80
C ASN C 267 -14.15 3.93 3.98
N CYS C 268 -14.96 3.19 3.22
CA CYS C 268 -14.87 1.74 3.21
C CYS C 268 -13.63 1.24 2.47
N GLU C 269 -13.03 0.16 2.98
CA GLU C 269 -11.87 -0.44 2.33
C GLU C 269 -12.17 -1.85 1.78
N GLY C 270 -11.90 -2.06 0.50
CA GLY C 270 -12.16 -3.33 -0.14
C GLY C 270 -10.99 -3.84 -0.96
N ASP C 271 -11.13 -5.05 -1.48
CA ASP C 271 -10.10 -5.68 -2.31
C ASP C 271 -10.72 -6.63 -3.32
N CYS C 272 -12.05 -6.66 -3.34
CA CYS C 272 -12.79 -7.45 -4.33
C CYS C 272 -13.94 -6.62 -4.90
N TYR C 273 -13.91 -6.37 -6.20
CA TYR C 273 -14.87 -5.46 -6.83
C TYR C 273 -15.68 -6.09 -7.96
N HIS C 274 -16.86 -5.54 -8.21
CA HIS C 274 -17.65 -5.85 -9.38
C HIS C 274 -18.46 -4.63 -9.79
N SER C 275 -19.20 -4.74 -10.89
CA SER C 275 -19.94 -3.60 -11.44
C SER C 275 -21.06 -3.10 -10.51
N GLY C 276 -21.48 -3.95 -9.58
CA GLY C 276 -22.56 -3.61 -8.68
C GLY C 276 -22.08 -3.12 -7.33
N GLY C 277 -20.76 -3.18 -7.10
CA GLY C 277 -20.18 -2.66 -5.87
C GLY C 277 -18.99 -3.44 -5.34
N THR C 278 -18.86 -3.46 -4.02
CA THR C 278 -17.73 -4.11 -3.37
C THR C 278 -18.18 -5.29 -2.52
N ILE C 279 -17.44 -6.39 -2.59
CA ILE C 279 -17.73 -7.56 -1.78
C ILE C 279 -16.70 -7.75 -0.67
N ILE C 280 -17.13 -7.57 0.58
CA ILE C 280 -16.25 -7.76 1.73
C ILE C 280 -16.73 -8.93 2.59
N SER C 281 -15.88 -9.96 2.69
CA SER C 281 -16.26 -11.20 3.35
C SER C 281 -15.07 -12.09 3.62
N ASN C 282 -15.12 -12.84 4.73
CA ASN C 282 -14.11 -13.83 5.03
C ASN C 282 -14.54 -15.20 4.53
N LEU C 283 -15.76 -15.27 4.00
CA LEU C 283 -16.31 -16.51 3.48
C LEU C 283 -15.49 -16.96 2.28
N PRO C 284 -15.35 -18.27 2.12
CA PRO C 284 -14.56 -18.82 1.02
C PRO C 284 -15.24 -18.63 -0.32
N PHE C 285 -16.57 -18.53 -0.33
CA PHE C 285 -17.30 -18.45 -1.58
C PHE C 285 -18.31 -17.31 -1.63
N GLN C 286 -18.75 -16.97 -2.83
CA GLN C 286 -19.74 -15.92 -3.05
C GLN C 286 -20.61 -16.25 -4.28
N ASN C 287 -21.83 -15.73 -4.30
CA ASN C 287 -22.78 -16.02 -5.38
C ASN C 287 -23.35 -14.71 -5.96
N ILE C 288 -22.56 -13.65 -5.87
CA ILE C 288 -23.03 -12.34 -6.28
C ILE C 288 -22.69 -12.08 -7.74
N ASP C 289 -21.43 -12.26 -8.12
CA ASP C 289 -21.00 -12.00 -9.48
C ASP C 289 -19.79 -12.86 -9.84
N SER C 290 -19.91 -13.60 -10.94
CA SER C 290 -18.86 -14.52 -11.39
C SER C 290 -17.66 -13.78 -11.98
N ARG C 291 -17.90 -12.58 -12.50
CA ARG C 291 -16.85 -11.81 -13.16
C ARG C 291 -16.18 -10.84 -12.20
N ALA C 292 -16.41 -11.05 -10.91
CA ALA C 292 -15.78 -10.24 -9.87
C ALA C 292 -14.26 -10.33 -9.98
N VAL C 293 -13.58 -9.22 -9.71
CA VAL C 293 -12.13 -9.19 -9.86
C VAL C 293 -11.44 -8.65 -8.60
N GLY C 294 -10.14 -8.89 -8.50
CA GLY C 294 -9.39 -8.55 -7.31
C GLY C 294 -9.09 -9.77 -6.46
N LYS C 295 -8.99 -9.60 -5.15
CA LYS C 295 -8.81 -10.71 -4.23
C LYS C 295 -10.16 -11.05 -3.64
N CYS C 296 -10.75 -12.15 -4.13
CA CYS C 296 -12.14 -12.43 -3.85
C CYS C 296 -12.36 -13.86 -3.38
N PRO C 297 -13.47 -14.10 -2.67
CA PRO C 297 -13.89 -15.49 -2.49
C PRO C 297 -14.26 -16.07 -3.85
N ARG C 298 -14.16 -17.39 -4.01
CA ARG C 298 -14.44 -17.99 -5.31
C ARG C 298 -15.93 -17.97 -5.57
N TYR C 299 -16.33 -17.64 -6.78
CA TYR C 299 -17.75 -17.60 -7.12
C TYR C 299 -18.31 -19.01 -7.27
N VAL C 300 -19.50 -19.26 -6.72
CA VAL C 300 -20.16 -20.54 -6.89
C VAL C 300 -21.63 -20.36 -7.30
N LYS C 301 -22.23 -21.43 -7.82
CA LYS C 301 -23.60 -21.39 -8.32
C LYS C 301 -24.66 -21.27 -7.22
N GLN C 302 -24.39 -21.89 -6.08
CA GLN C 302 -25.38 -21.94 -5.00
C GLN C 302 -25.42 -20.62 -4.24
N ARG C 303 -26.62 -20.24 -3.79
CA ARG C 303 -26.82 -19.01 -3.05
C ARG C 303 -26.55 -19.21 -1.56
N SER C 304 -26.55 -20.47 -1.14
CA SER C 304 -26.38 -20.79 0.27
C SER C 304 -25.72 -22.15 0.49
N LEU C 305 -24.68 -22.16 1.31
CA LEU C 305 -24.05 -23.40 1.76
C LEU C 305 -23.68 -23.28 3.24
N LEU C 306 -24.49 -23.90 4.09
CA LEU C 306 -24.37 -23.76 5.54
C LEU C 306 -23.35 -24.72 6.14
N LEU C 307 -22.43 -24.18 6.93
CA LEU C 307 -21.43 -25.00 7.60
C LEU C 307 -21.81 -25.24 9.06
N ALA C 308 -21.96 -26.50 9.43
CA ALA C 308 -22.34 -26.86 10.79
C ALA C 308 -21.26 -26.44 11.80
N THR C 309 -21.69 -25.71 12.83
CA THR C 309 -20.78 -25.28 13.89
C THR C 309 -21.20 -25.90 15.24
N GLY C 310 -21.99 -26.97 15.16
CA GLY C 310 -22.43 -27.67 16.37
C GLY C 310 -22.74 -29.12 16.07
N MET C 311 -22.93 -29.91 17.12
CA MET C 311 -23.22 -31.34 16.98
C MET C 311 -24.63 -31.55 16.42
N LYS C 312 -24.93 -32.79 16.08
CA LYS C 312 -26.26 -33.13 15.58
C LYS C 312 -27.30 -32.81 16.65
N ASN C 313 -28.39 -32.16 16.26
CA ASN C 313 -29.41 -31.77 17.22
C ASN C 313 -30.44 -32.87 17.42
N VAL C 314 -30.52 -33.38 18.64
CA VAL C 314 -31.48 -34.41 18.99
C VAL C 314 -32.37 -33.90 20.10
N PRO C 315 -33.64 -33.60 19.78
CA PRO C 315 -34.57 -33.02 20.75
C PRO C 315 -34.81 -33.93 21.95
N GLU C 316 -34.95 -33.34 23.13
CA GLU C 316 -35.17 -34.10 24.35
C GLU C 316 -36.56 -34.73 24.34
N ILE C 317 -36.68 -35.95 24.85
CA ILE C 317 -37.98 -36.60 24.92
C ILE C 317 -38.84 -35.97 26.00
N PRO C 318 -39.96 -35.35 25.60
CA PRO C 318 -40.84 -34.61 26.50
C PRO C 318 -41.80 -35.52 27.29
N GLY D 4 -40.94 -39.74 36.24
CA GLY D 4 -39.95 -38.70 36.48
C GLY D 4 -38.53 -39.22 36.44
N ALA D 5 -38.28 -40.20 35.57
CA ALA D 5 -36.96 -40.78 35.44
C ALA D 5 -36.06 -39.87 34.63
N ILE D 6 -34.75 -40.05 34.74
CA ILE D 6 -33.80 -39.33 33.90
C ILE D 6 -33.06 -40.27 32.96
N ALA D 7 -32.58 -39.72 31.85
CA ALA D 7 -31.83 -40.48 30.87
C ALA D 7 -30.70 -39.63 30.29
N GLY D 8 -29.71 -40.30 29.70
CA GLY D 8 -28.57 -39.61 29.11
C GLY D 8 -28.64 -39.65 27.60
N PHE D 9 -27.49 -39.58 26.95
CA PHE D 9 -27.42 -39.72 25.49
C PHE D 9 -27.89 -41.13 25.09
N ILE D 10 -28.02 -41.35 23.79
CA ILE D 10 -28.73 -42.49 23.19
C ILE D 10 -30.23 -42.18 23.25
N GLU D 11 -30.76 -41.73 22.11
CA GLU D 11 -32.12 -41.19 22.03
C GLU D 11 -32.37 -40.07 23.04
N ASN D 12 -31.94 -38.87 22.67
CA ASN D 12 -32.29 -37.54 23.21
C ASN D 12 -31.11 -36.80 23.85
N GLY D 13 -31.06 -35.49 23.60
CA GLY D 13 -30.12 -34.59 24.24
C GLY D 13 -30.82 -33.81 25.31
N TRP D 14 -30.16 -32.81 25.89
CA TRP D 14 -30.73 -32.07 27.00
C TRP D 14 -30.93 -30.60 26.65
N GLU D 15 -32.19 -30.19 26.47
CA GLU D 15 -32.50 -28.82 26.09
C GLU D 15 -32.40 -27.87 27.28
N GLY D 16 -32.09 -28.43 28.45
CA GLY D 16 -31.89 -27.66 29.66
C GLY D 16 -30.40 -27.42 29.87
N LEU D 17 -29.58 -28.23 29.21
CA LEU D 17 -28.13 -28.07 29.25
C LEU D 17 -27.72 -26.84 28.45
N ILE D 18 -27.64 -25.70 29.13
CA ILE D 18 -27.42 -24.42 28.45
C ILE D 18 -26.11 -23.71 28.81
N ASP D 19 -25.26 -24.35 29.60
CA ASP D 19 -23.96 -23.77 29.94
C ASP D 19 -22.81 -24.62 29.41
N GLY D 20 -23.14 -25.55 28.51
CA GLY D 20 -22.15 -26.43 27.94
C GLY D 20 -22.70 -27.32 26.85
N TRP D 21 -21.82 -28.05 26.17
CA TRP D 21 -22.22 -28.95 25.10
C TRP D 21 -22.45 -30.36 25.65
N TYR D 22 -21.56 -30.78 26.55
CA TYR D 22 -21.66 -32.07 27.22
C TYR D 22 -21.83 -31.84 28.72
N GLY D 23 -22.52 -32.75 29.40
CA GLY D 23 -22.77 -32.55 30.82
C GLY D 23 -23.16 -33.77 31.64
N PHE D 24 -23.37 -33.53 32.93
CA PHE D 24 -23.75 -34.58 33.87
C PHE D 24 -25.17 -34.35 34.37
N ARG D 25 -25.92 -35.43 34.59
CA ARG D 25 -27.22 -35.33 35.24
C ARG D 25 -27.39 -36.45 36.24
N HIS D 26 -27.60 -36.08 37.50
CA HIS D 26 -27.65 -37.06 38.58
C HIS D 26 -28.95 -37.00 39.37
N GLN D 27 -29.26 -38.09 40.06
CA GLN D 27 -30.31 -38.07 41.05
C GLN D 27 -29.94 -38.90 42.28
N ASN D 28 -30.04 -38.27 43.44
CA ASN D 28 -29.76 -38.92 44.71
C ASN D 28 -30.81 -38.50 45.74
N ALA D 29 -30.55 -38.80 47.00
CA ALA D 29 -31.47 -38.41 48.08
C ALA D 29 -31.64 -36.90 48.13
N GLN D 30 -30.62 -36.16 47.70
CA GLN D 30 -30.67 -34.70 47.69
C GLN D 30 -31.57 -34.18 46.57
N GLY D 31 -31.89 -35.05 45.62
CA GLY D 31 -32.73 -34.66 44.50
C GLY D 31 -31.99 -34.79 43.18
N GLU D 32 -32.38 -33.99 42.21
CA GLU D 32 -31.83 -34.08 40.85
C GLU D 32 -31.00 -32.84 40.50
N GLY D 33 -29.97 -33.02 39.68
CA GLY D 33 -29.13 -31.92 39.25
C GLY D 33 -28.50 -32.14 37.89
N THR D 34 -28.09 -31.05 37.24
CA THR D 34 -27.42 -31.13 35.95
C THR D 34 -26.29 -30.11 35.85
N ALA D 35 -25.10 -30.56 35.47
CA ALA D 35 -23.95 -29.68 35.33
C ALA D 35 -23.13 -30.05 34.09
N ALA D 36 -22.46 -29.06 33.51
CA ALA D 36 -21.68 -29.28 32.29
C ALA D 36 -20.21 -29.56 32.58
N ASP D 37 -19.61 -30.41 31.75
CA ASP D 37 -18.18 -30.70 31.83
C ASP D 37 -17.42 -29.77 30.89
N TYR D 38 -16.37 -29.13 31.40
CA TYR D 38 -15.67 -28.10 30.65
C TYR D 38 -14.75 -28.68 29.57
N LYS D 39 -13.88 -29.60 29.95
CA LYS D 39 -12.84 -30.10 29.06
C LYS D 39 -13.40 -30.71 27.76
N SER D 40 -14.48 -31.47 27.87
CA SER D 40 -15.08 -32.12 26.71
C SER D 40 -15.75 -31.10 25.79
N THR D 41 -16.45 -30.14 26.39
CA THR D 41 -17.10 -29.08 25.63
C THR D 41 -16.07 -28.20 24.96
N GLN D 42 -15.01 -27.85 25.70
CA GLN D 42 -13.96 -27.00 25.18
C GLN D 42 -13.17 -27.71 24.09
N SER D 43 -13.02 -29.02 24.23
CA SER D 43 -12.37 -29.84 23.21
C SER D 43 -13.08 -29.72 21.87
N ALA D 44 -14.40 -29.86 21.89
CA ALA D 44 -15.22 -29.82 20.69
C ALA D 44 -15.19 -28.43 20.04
N ILE D 45 -15.32 -27.40 20.87
CA ILE D 45 -15.30 -26.02 20.40
C ILE D 45 -13.96 -25.67 19.74
N ASP D 46 -12.88 -26.16 20.32
CA ASP D 46 -11.54 -25.90 19.76
C ASP D 46 -11.40 -26.51 18.37
N GLN D 47 -11.97 -27.70 18.18
CA GLN D 47 -11.92 -28.37 16.88
C GLN D 47 -12.79 -27.62 15.86
N ILE D 48 -13.95 -27.15 16.32
CA ILE D 48 -14.87 -26.42 15.45
C ILE D 48 -14.31 -25.05 15.10
N THR D 49 -13.79 -24.34 16.10
CA THR D 49 -13.16 -23.04 15.86
C THR D 49 -11.91 -23.22 15.00
N GLY D 50 -11.27 -24.39 15.15
CA GLY D 50 -10.15 -24.74 14.31
C GLY D 50 -10.52 -24.88 12.84
N LYS D 51 -11.71 -25.42 12.58
CA LYS D 51 -12.21 -25.56 11.21
C LYS D 51 -12.48 -24.20 10.58
N LEU D 52 -13.10 -23.31 11.34
CA LEU D 52 -13.47 -21.99 10.83
C LEU D 52 -12.26 -21.17 10.39
N ASN D 53 -11.22 -21.17 11.24
CA ASN D 53 -10.01 -20.41 10.96
C ASN D 53 -9.31 -20.89 9.69
N ARG D 54 -9.32 -22.20 9.46
CA ARG D 54 -8.76 -22.77 8.24
C ARG D 54 -9.46 -22.28 6.97
N LEU D 55 -10.77 -22.05 7.09
CA LEU D 55 -11.57 -21.61 5.94
C LEU D 55 -11.62 -20.09 5.83
N ILE D 56 -10.99 -19.40 6.76
CA ILE D 56 -10.93 -17.94 6.75
C ILE D 56 -9.60 -17.51 6.12
N GLU D 57 -8.63 -18.41 6.20
CA GLU D 57 -7.30 -18.23 5.62
C GLU D 57 -7.40 -17.70 4.19
N LYS D 58 -7.34 -16.38 4.05
CA LYS D 58 -7.57 -15.73 2.77
C LYS D 58 -6.49 -15.99 1.73
N THR D 59 -6.89 -15.90 0.47
CA THR D 59 -5.97 -16.04 -0.64
C THR D 59 -5.43 -14.67 -1.05
N ASN D 60 -4.19 -14.64 -1.51
CA ASN D 60 -3.58 -13.39 -1.96
C ASN D 60 -3.53 -13.29 -3.48
N GLN D 61 -4.16 -14.26 -4.16
CA GLN D 61 -4.20 -14.21 -5.62
C GLN D 61 -5.24 -13.20 -6.11
N GLN D 62 -4.77 -12.26 -6.91
CA GLN D 62 -5.64 -11.24 -7.49
C GLN D 62 -5.88 -11.51 -8.97
N PHE D 63 -7.13 -11.34 -9.40
CA PHE D 63 -7.46 -11.50 -10.80
C PHE D 63 -8.01 -10.19 -11.36
N GLU D 64 -7.68 -9.91 -12.61
CA GLU D 64 -8.10 -8.66 -13.24
C GLU D 64 -9.07 -8.95 -14.38
N LEU D 65 -9.71 -7.89 -14.87
CA LEU D 65 -10.71 -8.02 -15.92
C LEU D 65 -10.08 -8.67 -17.15
N ILE D 66 -10.81 -9.61 -17.75
CA ILE D 66 -10.31 -10.33 -18.92
C ILE D 66 -11.25 -10.15 -20.10
N ASP D 67 -12.44 -9.62 -19.83
CA ASP D 67 -13.35 -9.21 -20.88
C ASP D 67 -14.01 -7.89 -20.50
N ASN D 68 -15.09 -7.56 -21.20
CA ASN D 68 -15.66 -6.22 -21.11
C ASN D 68 -17.18 -6.29 -21.20
N GLU D 69 -17.85 -5.67 -20.23
CA GLU D 69 -19.31 -5.69 -20.20
C GLU D 69 -19.89 -4.36 -20.72
N PHE D 70 -19.01 -3.48 -21.18
CA PHE D 70 -19.43 -2.28 -21.91
C PHE D 70 -19.19 -2.46 -23.40
N ASN D 71 -17.95 -2.78 -23.77
CA ASN D 71 -17.62 -3.06 -25.16
C ASN D 71 -17.31 -4.55 -25.29
N GLU D 72 -18.32 -5.34 -25.64
CA GLU D 72 -18.17 -6.79 -25.70
C GLU D 72 -17.00 -7.18 -26.59
N VAL D 73 -16.16 -8.10 -26.11
CA VAL D 73 -14.98 -8.51 -26.84
C VAL D 73 -15.39 -9.30 -28.08
N GLU D 74 -14.40 -9.67 -28.89
CA GLU D 74 -14.66 -10.42 -30.11
C GLU D 74 -15.32 -11.74 -29.73
N LYS D 75 -16.26 -12.20 -30.57
CA LYS D 75 -17.10 -13.35 -30.26
C LYS D 75 -16.33 -14.64 -29.94
N GLN D 76 -15.38 -14.99 -30.81
CA GLN D 76 -14.67 -16.25 -30.68
C GLN D 76 -13.86 -16.32 -29.39
N ILE D 77 -13.03 -15.30 -29.15
CA ILE D 77 -12.25 -15.25 -27.93
C ILE D 77 -13.19 -15.07 -26.73
N GLY D 78 -14.34 -14.45 -26.97
CA GLY D 78 -15.28 -14.19 -25.91
C GLY D 78 -15.95 -15.46 -25.45
N ASN D 79 -16.37 -16.30 -26.40
CA ASN D 79 -16.98 -17.58 -26.08
C ASN D 79 -15.97 -18.50 -25.41
N VAL D 80 -14.70 -18.38 -25.79
CA VAL D 80 -13.64 -19.16 -25.15
C VAL D 80 -13.51 -18.76 -23.69
N ILE D 81 -13.52 -17.46 -23.42
CA ILE D 81 -13.43 -16.94 -22.06
C ILE D 81 -14.58 -17.44 -21.21
N ASN D 82 -15.81 -17.31 -21.73
CA ASN D 82 -17.01 -17.78 -21.04
C ASN D 82 -16.97 -19.29 -20.79
N TRP D 83 -16.59 -20.04 -21.82
CA TRP D 83 -16.48 -21.49 -21.72
C TRP D 83 -15.43 -21.89 -20.68
N THR D 84 -14.35 -21.11 -20.59
CA THR D 84 -13.31 -21.37 -19.60
C THR D 84 -13.82 -20.99 -18.20
N ARG D 85 -14.47 -19.83 -18.11
CA ARG D 85 -14.94 -19.32 -16.82
C ARG D 85 -16.03 -20.21 -16.20
N ASP D 86 -17.04 -20.54 -17.00
CA ASP D 86 -18.15 -21.36 -16.53
C ASP D 86 -17.69 -22.76 -16.13
N SER D 87 -16.69 -23.28 -16.81
CA SER D 87 -16.11 -24.57 -16.46
C SER D 87 -15.45 -24.49 -15.09
N ILE D 88 -14.75 -23.39 -14.85
CA ILE D 88 -14.08 -23.14 -13.58
C ILE D 88 -15.11 -22.88 -12.47
N THR D 89 -16.21 -22.20 -12.81
CA THR D 89 -17.28 -21.97 -11.86
C THR D 89 -17.87 -23.31 -11.43
N GLU D 90 -18.01 -24.24 -12.37
CA GLU D 90 -18.47 -25.59 -12.08
C GLU D 90 -17.57 -26.28 -11.06
N VAL D 91 -16.27 -26.04 -11.17
CA VAL D 91 -15.28 -26.66 -10.29
C VAL D 91 -15.39 -26.16 -8.85
N TRP D 92 -15.43 -24.85 -8.67
CA TRP D 92 -15.53 -24.29 -7.33
C TRP D 92 -16.88 -24.59 -6.67
N SER D 93 -17.93 -24.64 -7.48
CA SER D 93 -19.26 -25.00 -6.97
C SER D 93 -19.26 -26.42 -6.42
N TYR D 94 -18.61 -27.33 -7.13
CA TYR D 94 -18.46 -28.71 -6.68
C TYR D 94 -17.59 -28.78 -5.43
N ASN D 95 -16.41 -28.16 -5.48
CA ASN D 95 -15.49 -28.13 -4.36
C ASN D 95 -16.16 -27.58 -3.10
N ALA D 96 -16.93 -26.50 -3.27
CA ALA D 96 -17.62 -25.88 -2.15
C ALA D 96 -18.64 -26.83 -1.53
N GLU D 97 -19.46 -27.41 -2.38
CA GLU D 97 -20.51 -28.33 -1.95
C GLU D 97 -19.93 -29.54 -1.21
N LEU D 98 -18.91 -30.12 -1.82
CA LEU D 98 -18.28 -31.31 -1.24
C LEU D 98 -17.52 -31.00 0.06
N LEU D 99 -16.82 -29.86 0.07
CA LEU D 99 -16.07 -29.44 1.24
C LEU D 99 -16.97 -29.35 2.47
N VAL D 100 -18.07 -28.62 2.35
CA VAL D 100 -19.00 -28.42 3.45
C VAL D 100 -19.63 -29.75 3.85
N ALA D 101 -20.05 -30.53 2.87
CA ALA D 101 -20.67 -31.83 3.12
C ALA D 101 -19.70 -32.74 3.88
N MET D 102 -18.43 -32.67 3.50
CA MET D 102 -17.41 -33.50 4.14
C MET D 102 -17.12 -33.05 5.56
N GLU D 103 -16.86 -31.75 5.72
CA GLU D 103 -16.54 -31.20 7.04
C GLU D 103 -17.68 -31.38 8.02
N ASN D 104 -18.91 -31.24 7.53
CA ASN D 104 -20.09 -31.43 8.36
C ASN D 104 -20.18 -32.87 8.84
N GLN D 105 -19.85 -33.80 7.95
CA GLN D 105 -19.82 -35.22 8.30
C GLN D 105 -18.75 -35.49 9.35
N HIS D 106 -17.60 -34.84 9.20
CA HIS D 106 -16.51 -35.00 10.15
C HIS D 106 -16.85 -34.33 11.46
N THR D 107 -17.47 -33.15 11.38
CA THR D 107 -17.89 -32.40 12.55
C THR D 107 -18.87 -33.23 13.37
N ILE D 108 -19.84 -33.82 12.68
CA ILE D 108 -20.83 -34.69 13.29
C ILE D 108 -20.17 -35.89 13.96
N ASP D 109 -19.25 -36.52 13.24
CA ASP D 109 -18.58 -37.73 13.72
C ASP D 109 -17.68 -37.45 14.93
N LEU D 110 -16.94 -36.35 14.89
CA LEU D 110 -16.02 -36.02 15.97
C LEU D 110 -16.78 -35.60 17.24
N ALA D 111 -18.00 -35.09 17.04
CA ALA D 111 -18.83 -34.71 18.17
C ALA D 111 -19.31 -35.95 18.91
N ASP D 112 -19.75 -36.94 18.15
CA ASP D 112 -20.15 -38.23 18.71
C ASP D 112 -18.97 -38.92 19.39
N SER D 113 -17.78 -38.73 18.85
CA SER D 113 -16.57 -39.33 19.42
C SER D 113 -16.33 -38.78 20.83
N GLU D 114 -16.44 -37.46 20.97
CA GLU D 114 -16.26 -36.82 22.26
C GLU D 114 -17.27 -37.30 23.29
N MET D 115 -18.50 -37.54 22.84
CA MET D 115 -19.56 -38.03 23.72
C MET D 115 -19.23 -39.42 24.25
N ASP D 116 -18.78 -40.29 23.38
CA ASP D 116 -18.40 -41.65 23.77
C ASP D 116 -17.19 -41.63 24.72
N LYS D 117 -16.21 -40.78 24.43
CA LYS D 117 -15.01 -40.68 25.26
C LYS D 117 -15.30 -40.19 26.67
N LEU D 118 -16.28 -39.31 26.81
CA LEU D 118 -16.68 -38.79 28.11
C LEU D 118 -17.33 -39.91 28.92
N TYR D 119 -18.23 -40.64 28.27
CA TYR D 119 -18.93 -41.77 28.87
C TYR D 119 -17.96 -42.87 29.30
N GLU D 120 -17.01 -43.19 28.43
CA GLU D 120 -16.03 -44.23 28.71
C GLU D 120 -15.10 -43.80 29.84
N ARG D 121 -14.86 -42.50 29.95
CA ARG D 121 -14.00 -41.98 31.01
C ARG D 121 -14.62 -42.23 32.37
N VAL D 122 -15.89 -41.86 32.51
CA VAL D 122 -16.64 -42.04 33.75
C VAL D 122 -16.76 -43.52 34.10
N LYS D 123 -17.02 -44.34 33.09
CA LYS D 123 -17.11 -45.80 33.28
C LYS D 123 -15.82 -46.35 33.87
N ARG D 124 -14.69 -45.75 33.47
CA ARG D 124 -13.39 -46.16 33.97
C ARG D 124 -13.17 -45.65 35.40
N GLN D 125 -13.84 -44.56 35.73
CA GLN D 125 -13.78 -43.99 37.07
C GLN D 125 -14.54 -44.86 38.06
N LEU D 126 -15.73 -45.28 37.66
CA LEU D 126 -16.64 -45.97 38.55
C LEU D 126 -16.25 -47.42 38.78
N ARG D 127 -15.34 -47.93 37.94
CA ARG D 127 -14.79 -49.27 38.08
C ARG D 127 -15.89 -50.33 38.19
N GLU D 128 -15.94 -50.99 39.33
CA GLU D 128 -16.91 -52.05 39.58
C GLU D 128 -18.03 -51.62 40.53
N ASN D 129 -18.19 -50.32 40.70
CA ASN D 129 -19.19 -49.80 41.63
C ASN D 129 -20.49 -49.35 40.96
N ALA D 130 -20.61 -49.60 39.65
CA ALA D 130 -21.80 -49.20 38.91
C ALA D 130 -22.05 -50.08 37.68
N GLU D 131 -23.23 -49.97 37.11
CA GLU D 131 -23.58 -50.69 35.89
C GLU D 131 -24.31 -49.80 34.89
N GLU D 132 -24.12 -50.07 33.61
CA GLU D 132 -24.74 -49.27 32.55
C GLU D 132 -26.22 -49.63 32.44
N ASP D 133 -27.07 -48.61 32.32
CA ASP D 133 -28.51 -48.82 32.27
C ASP D 133 -29.04 -48.98 30.85
N GLY D 134 -28.21 -48.68 29.86
CA GLY D 134 -28.59 -48.81 28.47
C GLY D 134 -29.19 -47.55 27.89
N THR D 135 -29.22 -46.48 28.69
CA THR D 135 -29.65 -45.18 28.21
C THR D 135 -28.54 -44.16 28.38
N GLY D 136 -27.32 -44.66 28.56
CA GLY D 136 -26.15 -43.81 28.69
C GLY D 136 -25.91 -43.39 30.12
N CYS D 137 -26.60 -44.05 31.05
CA CYS D 137 -26.49 -43.69 32.46
C CYS D 137 -25.86 -44.81 33.28
N PHE D 138 -25.45 -44.46 34.51
CA PHE D 138 -24.89 -45.45 35.41
C PHE D 138 -25.72 -45.57 36.67
N GLU D 139 -26.18 -46.79 36.94
CA GLU D 139 -26.86 -47.09 38.19
C GLU D 139 -25.80 -47.26 39.27
N ILE D 140 -25.82 -46.36 40.26
CA ILE D 140 -24.81 -46.37 41.31
C ILE D 140 -25.27 -47.20 42.51
N PHE D 141 -24.49 -48.22 42.84
CA PHE D 141 -24.87 -49.17 43.88
C PHE D 141 -24.38 -48.77 45.27
N HIS D 142 -24.28 -47.46 45.50
CA HIS D 142 -23.99 -46.96 46.85
C HIS D 142 -24.58 -45.57 47.00
N LYS D 143 -24.53 -45.04 48.22
CA LYS D 143 -25.04 -43.70 48.46
C LYS D 143 -24.05 -42.67 47.92
N CYS D 144 -24.51 -41.86 46.98
CA CYS D 144 -23.67 -40.83 46.39
C CYS D 144 -24.34 -39.48 46.52
N ASP D 145 -24.02 -38.76 47.59
CA ASP D 145 -24.60 -37.45 47.83
C ASP D 145 -24.05 -36.42 46.85
N ASP D 146 -24.45 -35.17 47.02
CA ASP D 146 -24.05 -34.10 46.12
C ASP D 146 -22.53 -33.97 46.06
N ASP D 147 -21.88 -34.19 47.21
CA ASP D 147 -20.43 -34.14 47.28
C ASP D 147 -19.79 -35.31 46.54
N CYS D 148 -20.41 -36.48 46.63
CA CYS D 148 -19.92 -37.66 45.95
C CYS D 148 -20.07 -37.52 44.43
N MET D 149 -21.20 -37.00 44.00
CA MET D 149 -21.46 -36.77 42.58
C MET D 149 -20.45 -35.79 42.00
N ALA D 150 -20.10 -34.78 42.79
CA ALA D 150 -19.11 -33.78 42.38
C ALA D 150 -17.72 -34.39 42.27
N SER D 151 -17.44 -35.40 43.10
CA SER D 151 -16.15 -36.06 43.07
C SER D 151 -15.97 -36.79 41.75
N ILE D 152 -17.09 -37.24 41.19
CA ILE D 152 -17.12 -37.91 39.90
C ILE D 152 -16.84 -36.90 38.79
N ARG D 153 -17.43 -35.71 38.94
CA ARG D 153 -17.34 -34.65 37.94
C ARG D 153 -15.92 -34.09 37.75
N ASN D 154 -15.15 -34.02 38.82
CA ASN D 154 -13.79 -33.51 38.74
C ASN D 154 -12.73 -34.59 38.83
N ASN D 155 -13.14 -35.83 38.55
CA ASN D 155 -12.24 -36.98 38.56
C ASN D 155 -11.50 -37.13 39.89
N THR D 156 -12.21 -36.83 40.98
CA THR D 156 -11.64 -36.99 42.32
C THR D 156 -12.36 -38.11 43.05
N TYR D 157 -13.12 -38.90 42.30
CA TYR D 157 -13.88 -40.02 42.85
C TYR D 157 -12.98 -41.23 43.02
N ASP D 158 -12.87 -41.71 44.25
CA ASP D 158 -12.08 -42.91 44.54
C ASP D 158 -12.99 -44.13 44.67
N HIS D 159 -12.91 -45.03 43.70
CA HIS D 159 -13.76 -46.22 43.68
C HIS D 159 -13.43 -47.16 44.83
N SER D 160 -12.22 -47.04 45.37
CA SER D 160 -11.75 -47.88 46.47
C SER D 160 -12.61 -47.69 47.70
N LYS D 161 -13.12 -46.46 47.84
CA LYS D 161 -13.85 -46.03 49.03
C LYS D 161 -15.24 -46.67 49.13
N TYR D 162 -15.85 -46.96 47.98
CA TYR D 162 -17.22 -47.47 47.96
C TYR D 162 -17.34 -48.90 47.43
N ARG D 163 -16.21 -49.53 47.12
CA ARG D 163 -16.22 -50.83 46.45
C ARG D 163 -16.96 -51.92 47.22
N GLU D 164 -16.61 -52.10 48.49
CA GLU D 164 -17.25 -53.09 49.35
C GLU D 164 -18.76 -52.89 49.37
N GLU D 165 -19.16 -51.70 49.77
CA GLU D 165 -20.55 -51.29 49.84
C GLU D 165 -21.31 -51.51 48.52
N ALA D 166 -20.65 -51.20 47.41
CA ALA D 166 -21.26 -51.31 46.09
C ALA D 166 -21.36 -52.77 45.62
N MET D 167 -20.27 -53.51 45.75
CA MET D 167 -20.22 -54.90 45.26
C MET D 167 -21.28 -55.77 45.92
N GLN D 168 -21.55 -55.53 47.20
CA GLN D 168 -22.60 -56.24 47.91
C GLN D 168 -23.95 -55.99 47.25
N ASN D 169 -24.29 -54.72 47.06
CA ASN D 169 -25.57 -54.32 46.51
C ASN D 169 -25.78 -54.86 45.10
N ARG D 170 -24.68 -55.07 44.38
CA ARG D 170 -24.73 -55.64 43.04
C ARG D 170 -25.00 -57.14 43.08
N ILE D 171 -24.32 -57.82 44.00
CA ILE D 171 -24.35 -59.29 44.07
C ILE D 171 -25.66 -59.83 44.67
N GLN D 172 -26.22 -59.09 45.63
CA GLN D 172 -27.53 -59.44 46.20
C GLN D 172 -28.13 -58.26 46.94
#